data_6CRK
#
_entry.id   6CRK
#
_cell.length_a   58.514
_cell.length_b   104.739
_cell.length_c   211.821
_cell.angle_alpha   90.000
_cell.angle_beta   90.000
_cell.angle_gamma   90.000
#
_symmetry.space_group_name_H-M   'P 2 2 21'
#
loop_
_entity.id
_entity.type
_entity.pdbx_description
1 polymer 'Guanine nucleotide-binding protein G(i) subunit alpha-1'
2 polymer 'Guanine nucleotide-binding protein G(I)/G(S)/G(T) subunit beta-1'
3 polymer 'Guanine nucleotide-binding protein G(I)/G(S)/G(O) subunit gamma-2'
4 polymer 'single-chain Fv'
5 non-polymer "GUANOSINE-5'-DIPHOSPHATE"
6 non-polymer 'CITRATE ANION'
7 water water
#
loop_
_entity_poly.entity_id
_entity_poly.type
_entity_poly.pdbx_seq_one_letter_code
_entity_poly.pdbx_strand_id
1 'polypeptide(L)'
;GPGCTLSAEDKAAVERSKMIDRNLREDGEKAAREVKLLLLGAGESGKSTIVKQMKIIHEAGYSEEECKQYKAVVYSNTIQ
SIIAIIRAMGRLKIDFGDSARADDARQLFVLAGAAEEGFMTAELAGVIKRLWKDSGVQACFNRSREYQLNDSAAYYLNDL
DRIAQPNYIPTQQDVLRTRVKTTGIVETHFTFKDLHFKMFDVGGQRSERKKWIHCFEGVTAIIFCVALSDYDLVLAEDEE
MNRMHESMKLFDSICNNKWFTDTSIILFLNKKDLFEEKIKKSPLTICYPEYAGSNTYEEAAAYIQCQFEDLNKRKDTKEI
YTHFTCATDTKNVQFVFDAVTDVIIKNNLKDCGLF
;
A
2 'polypeptide(L)'
;GPGSSGSELDQLRQEAEQLKNQIRDARKACADATLSQITNNIDPVGRIQMRTRRTLRGHLAKIYAMHWGTDSRLLVSASQ
DGKLIIWDSYTTNKVHAIPLRSSWVMTCAYAPSGNYVACGGLDNICSIYNLKTREGNVRVSRELAGHTGYLSCCRFLDDN
QIVTSSGDTTCALWDIETGQQTTTFTGHTGDVMSLSLAPDTRLFVSGACDASAKLWDVREGMCRQTFTGHESDINAICFF
PNGNAFATGSDDATCRLFDLRADQELMTYSHDNIICGITSVSFSKSGRLLLAGYDDFNCNVWDALKADRAGVLAGHDNRV
SCLGVTDDGMAVATGSWDSFLKIWN
;
B
3 'polypeptide(L)' MASNNTASIAQARKLVEQLKMEANIDRIKVSKAAADLMAYCEAHAKEDPLLTPVPASENPFREKKFFSAIL G
4 'polypeptide(L)'
;DVQLVESGGGLVQPGGSRKLSCSASGFAFSSFGMHWVRQAPEKGLEWVAYISSGSGTIYYADTVKGRFTISRDDPKNTLF
LQMTSLRSEDTAMYYCVRSIYYYGSSPFDFWGQGTTLTVSSGGGGSGGGGSGGGGSDIVMTQATSSVPVTPGESVSISCR
SSKSLLHSNGNTYLYWFLQRPGQSPQLLIYRMSNLASGVPDRFSGSGSGTAFTLTISRLEAEDVGVYYCMQHLEYPLTFG
AGTKLELKAAAHHHHHHHH
;
H
#
# COMPACT_ATOMS: atom_id res chain seq x y z
N CYS A 4 17.58 -23.73 -19.68
CA CYS A 4 17.53 -24.39 -18.39
C CYS A 4 16.62 -25.62 -18.42
N THR A 5 16.87 -26.55 -17.50
CA THR A 5 16.09 -27.78 -17.37
C THR A 5 15.27 -27.68 -16.08
N LEU A 6 14.02 -27.23 -16.23
CA LEU A 6 13.18 -26.91 -15.08
C LEU A 6 12.45 -28.15 -14.57
N SER A 7 12.23 -28.19 -13.26
CA SER A 7 11.33 -29.16 -12.66
C SER A 7 9.89 -28.89 -13.11
N ALA A 8 9.02 -29.88 -12.87
CA ALA A 8 7.62 -29.74 -13.25
C ALA A 8 6.96 -28.56 -12.53
N GLU A 9 7.22 -28.38 -11.23
CA GLU A 9 6.64 -27.23 -10.53
C GLU A 9 7.22 -25.93 -11.07
N ASP A 10 8.50 -25.94 -11.43
CA ASP A 10 9.11 -24.74 -12.00
C ASP A 10 8.47 -24.37 -13.33
N LYS A 11 8.20 -25.36 -14.19
CA LYS A 11 7.56 -25.05 -15.46
C LYS A 11 6.19 -24.44 -15.25
N ALA A 12 5.44 -24.99 -14.30
CA ALA A 12 4.12 -24.47 -14.02
C ALA A 12 4.18 -23.05 -13.44
N ALA A 13 5.24 -22.74 -12.67
CA ALA A 13 5.42 -21.38 -12.18
C ALA A 13 5.73 -20.41 -13.32
N VAL A 14 6.57 -20.83 -14.29
CA VAL A 14 6.84 -19.97 -15.43
C VAL A 14 5.55 -19.68 -16.19
N GLU A 15 4.75 -20.73 -16.41
CA GLU A 15 3.49 -20.58 -17.13
C GLU A 15 2.59 -19.59 -16.43
N ARG A 16 2.51 -19.66 -15.10
CA ARG A 16 1.74 -18.69 -14.33
C ARG A 16 2.26 -17.28 -14.55
N SER A 17 3.59 -17.11 -14.51
CA SER A 17 4.18 -15.79 -14.69
C SER A 17 3.83 -15.21 -16.06
N LYS A 18 3.87 -16.05 -17.10
CA LYS A 18 3.50 -15.59 -18.43
C LYS A 18 2.03 -15.24 -18.52
N MET A 19 1.17 -15.95 -17.79
CA MET A 19 -0.23 -15.54 -17.72
C MET A 19 -0.40 -14.18 -17.03
N ILE A 20 0.29 -13.99 -15.90
CA ILE A 20 0.30 -12.67 -15.26
C ILE A 20 0.74 -11.59 -16.24
N ASP A 21 1.80 -11.86 -17.01
CA ASP A 21 2.29 -10.89 -17.99
C ASP A 21 1.20 -10.51 -18.99
N ARG A 22 0.46 -11.50 -19.50
CA ARG A 22 -0.61 -11.21 -20.45
C ARG A 22 -1.67 -10.31 -19.82
N ASN A 23 -2.00 -10.57 -18.55
CA ASN A 23 -2.97 -9.73 -17.84
C ASN A 23 -2.44 -8.30 -17.69
N LEU A 24 -1.19 -8.17 -17.27
CA LEU A 24 -0.59 -6.85 -17.08
C LEU A 24 -0.55 -6.07 -18.38
N ARG A 25 -0.19 -6.74 -19.47
CA ARG A 25 -0.17 -6.09 -20.78
C ARG A 25 -1.56 -5.58 -21.14
N GLU A 26 -2.57 -6.42 -20.95
CA GLU A 26 -3.95 -6.01 -21.24
C GLU A 26 -4.40 -4.85 -20.36
N ASP A 27 -4.18 -4.96 -19.04
CA ASP A 27 -4.47 -3.84 -18.16
C ASP A 27 -3.74 -2.59 -18.62
N GLY A 28 -2.49 -2.75 -19.08
CA GLY A 28 -1.72 -1.59 -19.50
C GLY A 28 -2.32 -0.91 -20.73
N GLU A 29 -2.82 -1.71 -21.68
CA GLU A 29 -3.45 -1.14 -22.86
C GLU A 29 -4.66 -0.29 -22.48
N LYS A 30 -5.50 -0.79 -21.58
CA LYS A 30 -6.65 0.00 -21.12
C LYS A 30 -6.19 1.28 -20.42
N ALA A 31 -5.23 1.17 -19.51
CA ALA A 31 -4.82 2.33 -18.72
C ALA A 31 -4.22 3.43 -19.59
N ALA A 32 -3.56 3.06 -20.68
CA ALA A 32 -2.95 4.06 -21.57
C ALA A 32 -4.00 4.87 -22.33
N ARG A 33 -5.24 4.37 -22.42
CA ARG A 33 -6.31 5.12 -23.07
C ARG A 33 -7.04 6.05 -22.10
N GLU A 34 -6.71 5.99 -20.82
CA GLU A 34 -7.47 6.76 -19.83
C GLU A 34 -7.21 8.25 -19.98
N VAL A 35 -8.26 9.04 -19.85
CA VAL A 35 -8.13 10.49 -19.70
C VAL A 35 -8.12 10.77 -18.19
N LYS A 36 -7.01 11.24 -17.67
CA LYS A 36 -6.84 11.42 -16.25
C LYS A 36 -7.06 12.88 -15.90
N LEU A 37 -7.99 13.13 -14.97
CA LEU A 37 -8.33 14.48 -14.52
C LEU A 37 -8.01 14.62 -13.04
N LEU A 38 -7.26 15.65 -12.70
CA LEU A 38 -6.88 15.92 -11.31
C LEU A 38 -7.65 17.14 -10.82
N LEU A 39 -8.49 16.93 -9.81
CA LEU A 39 -9.24 18.01 -9.16
C LEU A 39 -8.40 18.58 -8.02
N LEU A 40 -8.15 19.88 -8.04
CA LEU A 40 -7.45 20.58 -6.98
C LEU A 40 -8.25 21.79 -6.56
N GLY A 41 -7.85 22.38 -5.44
CA GLY A 41 -8.49 23.58 -4.91
C GLY A 41 -8.52 23.49 -3.40
N ALA A 42 -8.74 24.64 -2.76
CA ALA A 42 -8.81 24.73 -1.31
C ALA A 42 -9.95 23.87 -0.76
N GLY A 43 -9.84 23.49 0.51
CA GLY A 43 -10.95 22.84 1.17
C GLY A 43 -12.25 23.64 1.02
N GLU A 44 -13.37 22.93 0.81
CA GLU A 44 -14.71 23.46 0.62
C GLU A 44 -14.88 24.22 -0.71
N SER A 45 -13.94 24.11 -1.64
CA SER A 45 -14.12 24.77 -2.94
C SER A 45 -15.12 24.06 -3.85
N GLY A 46 -15.52 22.82 -3.53
CA GLY A 46 -16.52 22.10 -4.29
C GLY A 46 -16.01 20.84 -4.99
N LYS A 47 -14.82 20.34 -4.62
CA LYS A 47 -14.23 19.21 -5.35
C LYS A 47 -15.04 17.93 -5.22
N SER A 48 -15.37 17.54 -3.99
CA SER A 48 -16.11 16.30 -3.86
C SER A 48 -17.53 16.43 -4.43
N THR A 49 -18.06 17.65 -4.50
CA THR A 49 -19.36 17.86 -5.15
C THR A 49 -19.25 17.61 -6.65
N ILE A 50 -18.16 18.06 -7.29
CA ILE A 50 -17.96 17.74 -8.71
C ILE A 50 -17.88 16.23 -8.91
N VAL A 51 -17.23 15.52 -7.99
CA VAL A 51 -17.14 14.05 -8.10
C VAL A 51 -18.53 13.43 -8.03
N LYS A 52 -19.35 13.87 -7.09
CA LYS A 52 -20.72 13.40 -7.04
C LYS A 52 -21.46 13.66 -8.34
N GLN A 53 -21.22 14.82 -8.97
CA GLN A 53 -21.94 15.12 -10.20
C GLN A 53 -21.52 14.20 -11.34
N MET A 54 -20.25 13.80 -11.39
CA MET A 54 -19.84 12.85 -12.41
C MET A 54 -20.58 11.52 -12.24
N LYS A 55 -20.76 11.09 -11.00
CA LYS A 55 -21.53 9.87 -10.75
C LYS A 55 -22.97 10.04 -11.20
N ILE A 56 -23.58 11.18 -10.81
CA ILE A 56 -24.97 11.43 -11.20
C ILE A 56 -25.10 11.48 -12.72
N ILE A 57 -24.18 12.18 -13.39
CA ILE A 57 -24.36 12.47 -14.81
C ILE A 57 -23.92 11.30 -15.69
N HIS A 58 -22.80 10.66 -15.34
CA HIS A 58 -22.18 9.69 -16.23
C HIS A 58 -22.14 8.26 -15.70
N GLU A 59 -22.59 8.02 -14.47
CA GLU A 59 -22.58 6.69 -13.87
C GLU A 59 -23.95 6.32 -13.33
N ALA A 60 -24.98 7.05 -13.76
CA ALA A 60 -26.34 6.82 -13.30
C ALA A 60 -26.41 6.69 -11.78
N GLY A 61 -25.64 7.52 -11.09
CA GLY A 61 -25.42 7.36 -9.67
C GLY A 61 -26.49 8.03 -8.82
N TYR A 62 -26.34 7.83 -7.51
CA TYR A 62 -27.22 8.33 -6.46
C TYR A 62 -28.69 8.06 -6.80
N SER A 63 -28.98 6.75 -6.81
CA SER A 63 -30.34 6.25 -6.79
C SER A 63 -31.04 6.68 -5.50
N GLU A 64 -32.36 6.48 -5.47
CA GLU A 64 -33.10 6.74 -4.24
C GLU A 64 -32.55 5.93 -3.08
N GLU A 65 -32.21 4.65 -3.31
CA GLU A 65 -31.76 3.80 -2.22
C GLU A 65 -30.42 4.26 -1.66
N GLU A 66 -29.50 4.70 -2.53
CA GLU A 66 -28.22 5.22 -2.04
C GLU A 66 -28.41 6.54 -1.30
N CYS A 67 -29.32 7.38 -1.81
CA CYS A 67 -29.59 8.66 -1.19
C CYS A 67 -30.05 8.52 0.27
N LYS A 68 -30.75 7.41 0.60
CA LYS A 68 -31.22 7.23 1.97
C LYS A 68 -30.07 7.12 2.96
N GLN A 69 -28.92 6.60 2.52
CA GLN A 69 -27.76 6.50 3.41
C GLN A 69 -27.19 7.86 3.80
N TYR A 70 -27.59 8.93 3.12
CA TYR A 70 -27.14 10.28 3.45
C TYR A 70 -28.03 10.98 4.46
N LYS A 71 -29.07 10.31 4.96
CA LYS A 71 -30.00 10.96 5.88
C LYS A 71 -29.30 11.44 7.14
N ALA A 72 -28.49 10.59 7.76
CA ALA A 72 -27.79 10.99 8.98
C ALA A 72 -26.83 12.14 8.71
N VAL A 73 -26.21 12.16 7.53
CA VAL A 73 -25.31 13.25 7.19
C VAL A 73 -26.07 14.55 7.04
N VAL A 74 -27.23 14.51 6.37
CA VAL A 74 -28.09 15.70 6.26
C VAL A 74 -28.45 16.23 7.65
N TYR A 75 -28.90 15.32 8.53
CA TYR A 75 -29.26 15.71 9.89
C TYR A 75 -28.06 16.29 10.63
N SER A 76 -26.91 15.62 10.51
CA SER A 76 -25.71 16.09 11.21
C SER A 76 -25.29 17.48 10.70
N ASN A 77 -25.27 17.67 9.37
CA ASN A 77 -25.04 18.99 8.79
C ASN A 77 -26.02 20.03 9.35
N THR A 78 -27.31 19.68 9.40
CA THR A 78 -28.32 20.63 9.86
C THR A 78 -28.07 21.02 11.31
N ILE A 79 -27.81 20.03 12.16
CA ILE A 79 -27.64 20.28 13.60
C ILE A 79 -26.39 21.12 13.83
N GLN A 80 -25.29 20.75 13.18
CA GLN A 80 -24.05 21.50 13.36
C GLN A 80 -24.19 22.94 12.87
N SER A 81 -24.97 23.17 11.81
CA SER A 81 -25.15 24.52 11.32
C SER A 81 -25.89 25.39 12.33
N ILE A 82 -27.02 24.91 12.84
CA ILE A 82 -27.76 25.75 13.78
C ILE A 82 -26.97 25.95 15.05
N ILE A 83 -26.18 24.95 15.45
CA ILE A 83 -25.33 25.08 16.63
C ILE A 83 -24.25 26.12 16.41
N ALA A 84 -23.59 26.08 15.24
CA ALA A 84 -22.60 27.09 14.91
C ALA A 84 -23.18 28.48 15.04
N ILE A 85 -24.40 28.69 14.53
CA ILE A 85 -25.04 30.00 14.63
C ILE A 85 -25.31 30.36 16.08
N ILE A 86 -25.89 29.43 16.85
CA ILE A 86 -26.19 29.73 18.26
C ILE A 86 -24.91 30.09 19.02
N ARG A 87 -23.87 29.27 18.85
CA ARG A 87 -22.60 29.56 19.53
C ARG A 87 -22.03 30.91 19.10
N ALA A 88 -22.23 31.31 17.84
CA ALA A 88 -21.71 32.60 17.42
C ALA A 88 -22.44 33.77 18.06
N MET A 89 -23.69 33.58 18.49
CA MET A 89 -24.43 34.66 19.14
C MET A 89 -23.78 35.04 20.47
N GLY A 90 -23.35 34.05 21.25
CA GLY A 90 -22.65 34.36 22.49
C GLY A 90 -21.35 35.09 22.23
N ARG A 91 -20.65 34.72 21.16
CA ARG A 91 -19.37 35.32 20.84
C ARG A 91 -19.54 36.76 20.35
N LEU A 92 -20.53 37.01 19.50
CA LEU A 92 -20.74 38.32 18.92
C LEU A 92 -21.68 39.21 19.74
N LYS A 93 -22.19 38.72 20.87
CA LYS A 93 -23.17 39.43 21.69
C LYS A 93 -24.42 39.79 20.89
N ILE A 94 -25.08 38.76 20.39
CA ILE A 94 -26.37 38.90 19.71
C ILE A 94 -27.42 38.21 20.57
N ASP A 95 -28.52 38.90 20.83
CA ASP A 95 -29.55 38.39 21.70
C ASP A 95 -30.71 37.86 20.87
N PHE A 96 -31.44 36.90 21.45
CA PHE A 96 -32.61 36.35 20.79
C PHE A 96 -33.69 37.41 20.62
N GLY A 97 -34.41 37.34 19.50
CA GLY A 97 -35.57 38.20 19.31
C GLY A 97 -36.71 37.89 20.26
N ASP A 98 -36.72 36.70 20.86
CA ASP A 98 -37.70 36.30 21.85
C ASP A 98 -36.97 35.56 22.96
N SER A 99 -37.13 36.03 24.20
CA SER A 99 -36.39 35.46 25.32
C SER A 99 -36.74 34.00 25.58
N ALA A 100 -37.91 33.53 25.11
CA ALA A 100 -38.26 32.13 25.25
C ALA A 100 -37.32 31.22 24.48
N ARG A 101 -36.59 31.77 23.50
CA ARG A 101 -35.65 30.96 22.72
C ARG A 101 -34.41 30.57 23.50
N ALA A 102 -34.17 31.19 24.67
CA ALA A 102 -32.99 30.84 25.46
C ALA A 102 -33.11 29.41 25.98
N ASP A 103 -34.33 28.96 26.26
CA ASP A 103 -34.55 27.58 26.68
C ASP A 103 -34.33 26.62 25.53
N ASP A 104 -34.93 26.94 24.37
CA ASP A 104 -34.68 26.15 23.17
C ASP A 104 -33.19 26.00 22.90
N ALA A 105 -32.42 27.07 23.10
CA ALA A 105 -30.97 26.99 22.86
C ALA A 105 -30.29 26.05 23.86
N ARG A 106 -30.76 26.05 25.11
CA ARG A 106 -30.25 25.10 26.09
C ARG A 106 -30.62 23.67 25.70
N GLN A 107 -31.88 23.47 25.30
CA GLN A 107 -32.33 22.16 24.85
C GLN A 107 -31.55 21.67 23.64
N LEU A 108 -31.28 22.57 22.69
CA LEU A 108 -30.54 22.20 21.49
C LEU A 108 -29.24 21.47 21.86
N PHE A 109 -28.45 22.06 22.76
CA PHE A 109 -27.20 21.41 23.14
C PHE A 109 -27.45 20.12 23.89
N VAL A 110 -28.55 20.04 24.65
CA VAL A 110 -28.87 18.81 25.37
C VAL A 110 -29.32 17.73 24.40
N LEU A 111 -30.32 18.04 23.56
CA LEU A 111 -30.79 17.08 22.57
C LEU A 111 -29.70 16.67 21.58
N ALA A 112 -28.60 17.42 21.51
CA ALA A 112 -27.43 17.04 20.73
C ALA A 112 -26.59 15.96 21.41
N GLY A 113 -27.15 15.30 22.43
CA GLY A 113 -26.58 14.08 22.97
C GLY A 113 -27.10 12.81 22.33
N ALA A 114 -28.10 12.91 21.46
CA ALA A 114 -28.56 11.77 20.69
C ALA A 114 -27.51 11.38 19.66
N ALA A 115 -27.45 10.08 19.35
CA ALA A 115 -26.43 9.56 18.45
C ALA A 115 -26.71 10.00 17.01
N GLU A 116 -25.83 9.59 16.11
CA GLU A 116 -25.97 9.87 14.68
C GLU A 116 -26.57 8.62 14.01
N GLU A 117 -27.89 8.66 13.84
CA GLU A 117 -28.74 7.55 13.40
C GLU A 117 -29.88 8.17 12.60
N GLY A 118 -31.05 7.56 12.57
CA GLY A 118 -32.16 8.40 12.19
C GLY A 118 -32.63 9.14 13.42
N PHE A 119 -32.01 10.31 13.63
CA PHE A 119 -32.39 11.28 14.66
C PHE A 119 -33.35 12.29 14.02
N MET A 120 -33.43 13.49 14.58
CA MET A 120 -34.48 14.46 14.28
C MET A 120 -35.82 13.98 14.85
N THR A 121 -35.78 13.63 16.14
CA THR A 121 -37.00 13.58 16.94
C THR A 121 -37.80 14.84 16.69
N ALA A 122 -39.12 14.72 16.83
CA ALA A 122 -39.97 15.90 16.68
C ALA A 122 -39.58 17.00 17.67
N GLU A 123 -39.05 16.64 18.83
CA GLU A 123 -38.68 17.65 19.82
C GLU A 123 -37.50 18.47 19.35
N LEU A 124 -36.43 17.80 18.90
CA LEU A 124 -35.27 18.51 18.37
C LEU A 124 -35.65 19.36 17.17
N ALA A 125 -36.40 18.77 16.23
CA ALA A 125 -36.83 19.52 15.06
C ALA A 125 -37.54 20.79 15.44
N GLY A 126 -38.41 20.72 16.45
CA GLY A 126 -39.14 21.91 16.88
C GLY A 126 -38.25 22.94 17.53
N VAL A 127 -37.24 22.48 18.28
CA VAL A 127 -36.26 23.40 18.84
C VAL A 127 -35.49 24.10 17.72
N ILE A 128 -35.10 23.37 16.68
CA ILE A 128 -34.34 23.98 15.60
C ILE A 128 -35.23 24.92 14.78
N LYS A 129 -36.47 24.53 14.54
CA LYS A 129 -37.36 25.38 13.74
C LYS A 129 -37.64 26.71 14.44
N ARG A 130 -37.76 26.69 15.77
CA ARG A 130 -38.05 27.94 16.48
C ARG A 130 -36.83 28.84 16.53
N LEU A 131 -35.65 28.27 16.77
CA LEU A 131 -34.42 29.06 16.74
C LEU A 131 -34.19 29.68 15.37
N TRP A 132 -34.36 28.89 14.31
CA TRP A 132 -34.07 29.38 12.97
C TRP A 132 -35.00 30.52 12.58
N LYS A 133 -36.23 30.51 13.08
CA LYS A 133 -37.19 31.57 12.80
C LYS A 133 -36.95 32.81 13.66
N ASP A 134 -36.18 32.69 14.74
CA ASP A 134 -35.95 33.82 15.63
C ASP A 134 -35.19 34.94 14.90
N SER A 135 -35.56 36.19 15.21
CA SER A 135 -34.95 37.33 14.55
C SER A 135 -33.51 37.55 15.02
N GLY A 136 -33.21 37.23 16.27
CA GLY A 136 -31.84 37.34 16.73
C GLY A 136 -30.95 36.28 16.12
N VAL A 137 -31.49 35.08 15.87
CA VAL A 137 -30.70 34.06 15.21
C VAL A 137 -30.45 34.45 13.76
N GLN A 138 -31.46 34.99 13.08
CA GLN A 138 -31.29 35.44 11.71
C GLN A 138 -30.27 36.56 11.61
N ALA A 139 -30.28 37.47 12.58
CA ALA A 139 -29.27 38.54 12.58
C ALA A 139 -27.87 37.95 12.63
N CYS A 140 -27.67 36.93 13.48
CA CYS A 140 -26.38 36.24 13.54
C CYS A 140 -26.08 35.51 12.24
N PHE A 141 -27.08 34.79 11.69
CA PHE A 141 -26.86 34.07 10.44
C PHE A 141 -26.38 35.02 9.34
N ASN A 142 -26.97 36.21 9.28
CA ASN A 142 -26.59 37.21 8.27
C ASN A 142 -25.22 37.84 8.54
N ARG A 143 -24.58 37.52 9.66
CA ARG A 143 -23.19 37.89 9.90
C ARG A 143 -22.26 36.68 9.83
N SER A 144 -22.67 35.61 9.12
CA SER A 144 -21.87 34.40 9.09
C SER A 144 -20.48 34.60 8.50
N ARG A 145 -20.27 35.66 7.71
CA ARG A 145 -18.93 35.90 7.19
C ARG A 145 -17.91 36.15 8.30
N GLU A 146 -18.36 36.30 9.55
CA GLU A 146 -17.51 36.53 10.70
C GLU A 146 -17.18 35.28 11.49
N TYR A 147 -17.76 34.12 11.15
CA TYR A 147 -17.40 32.86 11.80
C TYR A 147 -17.44 31.75 10.76
N GLN A 148 -17.40 30.50 11.22
CA GLN A 148 -17.38 29.34 10.33
C GLN A 148 -18.77 28.74 10.26
N LEU A 149 -19.29 28.57 9.04
CA LEU A 149 -20.64 28.07 8.84
C LEU A 149 -20.73 27.39 7.49
N ASN A 150 -21.30 26.17 7.47
CA ASN A 150 -21.51 25.43 6.22
C ASN A 150 -22.29 26.28 5.22
N ASP A 151 -21.82 26.30 3.98
CA ASP A 151 -22.55 27.05 2.95
C ASP A 151 -23.96 26.52 2.77
N SER A 152 -24.19 25.23 3.04
CA SER A 152 -25.52 24.64 2.93
C SER A 152 -26.41 24.91 4.15
N ALA A 153 -25.99 25.76 5.09
CA ALA A 153 -26.78 25.99 6.30
C ALA A 153 -28.21 26.43 5.98
N ALA A 154 -28.36 27.46 5.17
CA ALA A 154 -29.70 27.96 4.85
C ALA A 154 -30.49 26.93 4.05
N TYR A 155 -29.82 26.21 3.16
CA TYR A 155 -30.50 25.23 2.32
C TYR A 155 -31.29 24.23 3.15
N TYR A 156 -30.63 23.62 4.14
CA TYR A 156 -31.30 22.63 4.98
C TYR A 156 -32.26 23.30 5.95
N LEU A 157 -31.79 24.31 6.69
CA LEU A 157 -32.63 24.95 7.69
C LEU A 157 -33.90 25.53 7.08
N ASN A 158 -33.82 26.05 5.85
CA ASN A 158 -35.04 26.55 5.22
C ASN A 158 -35.98 25.42 4.79
N ASP A 159 -35.49 24.18 4.72
CA ASP A 159 -36.31 23.04 4.33
C ASP A 159 -36.55 22.09 5.49
N LEU A 160 -36.53 22.61 6.72
CA LEU A 160 -36.58 21.74 7.88
C LEU A 160 -37.88 20.93 7.94
N ASP A 161 -38.99 21.49 7.46
CA ASP A 161 -40.26 20.78 7.47
C ASP A 161 -40.16 19.46 6.71
N ARG A 162 -39.72 19.53 5.45
CA ARG A 162 -39.55 18.32 4.64
C ARG A 162 -38.52 17.39 5.26
N ILE A 163 -37.42 17.96 5.75
CA ILE A 163 -36.29 17.17 6.21
C ILE A 163 -36.62 16.44 7.51
N ALA A 164 -37.42 17.05 8.37
CA ALA A 164 -37.69 16.47 9.67
C ALA A 164 -38.78 15.40 9.65
N GLN A 165 -39.47 15.22 8.54
CA GLN A 165 -40.50 14.19 8.45
C GLN A 165 -39.89 12.81 8.72
N PRO A 166 -40.57 11.94 9.45
CA PRO A 166 -40.03 10.60 9.69
C PRO A 166 -39.95 9.74 8.43
N ASN A 167 -40.67 10.11 7.38
CA ASN A 167 -40.57 9.44 6.08
C ASN A 167 -39.64 10.18 5.12
N TYR A 168 -38.67 10.93 5.64
CA TYR A 168 -37.82 11.76 4.79
C TYR A 168 -36.90 10.90 3.94
N ILE A 169 -36.92 11.13 2.62
CA ILE A 169 -35.98 10.51 1.70
C ILE A 169 -35.13 11.62 1.09
N PRO A 170 -33.83 11.66 1.36
CA PRO A 170 -32.98 12.70 0.75
C PRO A 170 -33.06 12.72 -0.77
N THR A 171 -33.15 13.93 -1.33
CA THR A 171 -33.05 14.07 -2.77
C THR A 171 -31.60 14.10 -3.23
N GLN A 172 -31.40 14.06 -4.55
CA GLN A 172 -30.05 14.21 -5.08
C GLN A 172 -29.45 15.56 -4.69
N GLN A 173 -30.26 16.62 -4.69
CA GLN A 173 -29.75 17.93 -4.29
C GLN A 173 -29.39 17.94 -2.81
N ASP A 174 -30.20 17.28 -1.97
CA ASP A 174 -29.84 17.12 -0.56
C ASP A 174 -28.45 16.50 -0.42
N VAL A 175 -28.20 15.42 -1.17
CA VAL A 175 -26.90 14.75 -1.13
C VAL A 175 -25.81 15.70 -1.64
N LEU A 176 -26.05 16.36 -2.78
CA LEU A 176 -25.05 17.27 -3.34
C LEU A 176 -24.70 18.39 -2.36
N ARG A 177 -25.66 18.81 -1.53
CA ARG A 177 -25.46 19.86 -0.55
C ARG A 177 -24.72 19.41 0.70
N THR A 178 -24.52 18.10 0.92
CA THR A 178 -23.89 17.66 2.16
C THR A 178 -22.42 18.07 2.20
N ARG A 179 -21.93 18.27 3.41
CA ARG A 179 -20.52 18.53 3.68
C ARG A 179 -19.98 17.39 4.52
N VAL A 180 -19.03 16.62 3.98
CA VAL A 180 -18.32 15.60 4.74
C VAL A 180 -16.82 15.78 4.49
N LYS A 181 -16.07 16.02 5.56
CA LYS A 181 -14.63 16.14 5.45
C LYS A 181 -13.99 14.76 5.46
N THR A 182 -13.16 14.50 4.46
CA THR A 182 -12.48 13.22 4.30
C THR A 182 -10.98 13.49 4.15
N THR A 183 -10.21 12.42 4.21
CA THR A 183 -8.77 12.49 4.00
C THR A 183 -8.39 11.49 2.92
N GLY A 184 -7.38 11.84 2.15
CA GLY A 184 -6.89 10.94 1.14
C GLY A 184 -7.64 11.07 -0.18
N ILE A 185 -7.04 10.47 -1.20
CA ILE A 185 -7.50 10.70 -2.56
C ILE A 185 -8.88 10.08 -2.77
N VAL A 186 -9.75 10.81 -3.46
CA VAL A 186 -11.10 10.36 -3.85
C VAL A 186 -11.12 10.19 -5.36
N GLU A 187 -11.64 9.06 -5.84
CA GLU A 187 -11.51 8.66 -7.23
C GLU A 187 -12.87 8.24 -7.81
N THR A 188 -13.08 8.52 -9.10
CA THR A 188 -14.23 7.95 -9.81
C THR A 188 -13.86 7.78 -11.27
N HIS A 189 -14.48 6.81 -11.92
CA HIS A 189 -14.20 6.56 -13.32
C HIS A 189 -15.51 6.43 -14.08
N PHE A 190 -15.50 6.85 -15.34
CA PHE A 190 -16.72 6.86 -16.14
C PHE A 190 -16.33 7.02 -17.60
N THR A 191 -17.24 6.64 -18.48
CA THR A 191 -17.06 6.77 -19.92
C THR A 191 -17.99 7.85 -20.45
N PHE A 192 -17.48 8.65 -21.38
CA PHE A 192 -18.26 9.77 -21.94
C PHE A 192 -17.63 10.12 -23.28
N LYS A 193 -18.44 10.10 -24.35
CA LYS A 193 -17.97 10.39 -25.70
C LYS A 193 -16.81 9.48 -26.10
N ASP A 194 -16.89 8.21 -25.68
CA ASP A 194 -15.92 7.16 -25.98
C ASP A 194 -14.57 7.37 -25.32
N LEU A 195 -14.46 8.27 -24.35
CA LEU A 195 -13.24 8.40 -23.56
C LEU A 195 -13.47 7.79 -22.18
N HIS A 196 -12.49 7.02 -21.70
CA HIS A 196 -12.53 6.49 -20.34
C HIS A 196 -11.86 7.50 -19.42
N PHE A 197 -12.67 8.13 -18.58
CA PHE A 197 -12.18 9.15 -17.66
C PHE A 197 -11.87 8.54 -16.32
N LYS A 198 -10.78 9.01 -15.72
CA LYS A 198 -10.51 8.77 -14.31
C LYS A 198 -10.25 10.12 -13.65
N MET A 199 -11.08 10.46 -12.68
CA MET A 199 -11.01 11.75 -12.02
C MET A 199 -10.58 11.54 -10.58
N PHE A 200 -9.59 12.30 -10.13
CA PHE A 200 -9.00 12.12 -8.81
C PHE A 200 -9.09 13.45 -8.06
N ASP A 201 -9.67 13.40 -6.89
CA ASP A 201 -9.78 14.54 -5.99
C ASP A 201 -8.77 14.30 -4.87
N VAL A 202 -7.69 15.09 -4.85
CA VAL A 202 -6.65 14.86 -3.85
C VAL A 202 -7.24 14.91 -2.44
N GLY A 203 -8.22 15.78 -2.23
CA GLY A 203 -9.01 15.75 -1.00
C GLY A 203 -8.19 16.21 0.20
N GLY A 204 -8.37 15.52 1.31
CA GLY A 204 -7.63 15.82 2.53
C GLY A 204 -6.18 15.38 2.37
N GLN A 205 -5.27 16.35 2.33
CA GLN A 205 -3.85 16.05 2.11
C GLN A 205 -3.03 17.10 2.88
N ARG A 206 -2.73 16.80 4.15
CA ARG A 206 -2.04 17.74 5.03
C ARG A 206 -0.56 17.42 4.96
N SER A 207 0.17 18.14 4.08
CA SER A 207 1.55 17.80 3.76
C SER A 207 2.09 18.85 2.80
N GLU A 208 3.38 18.73 2.47
CA GLU A 208 4.02 19.63 1.51
C GLU A 208 3.74 19.18 0.09
N ARG A 209 3.12 20.06 -0.68
CA ARG A 209 2.79 19.75 -2.07
C ARG A 209 4.02 19.32 -2.85
N LYS A 210 5.17 19.95 -2.60
CA LYS A 210 6.33 19.67 -3.44
C LYS A 210 6.73 18.20 -3.39
N LYS A 211 6.33 17.45 -2.36
CA LYS A 211 6.72 16.05 -2.25
C LYS A 211 5.81 15.10 -3.01
N TRP A 212 4.57 15.48 -3.31
CA TRP A 212 3.68 14.57 -4.03
C TRP A 212 3.20 15.08 -5.38
N ILE A 213 3.37 16.37 -5.68
CA ILE A 213 2.79 16.90 -6.92
C ILE A 213 3.40 16.21 -8.14
N HIS A 214 4.68 15.83 -8.08
CA HIS A 214 5.28 15.18 -9.25
C HIS A 214 4.64 13.83 -9.57
N CYS A 215 3.89 13.24 -8.63
CA CYS A 215 3.20 11.98 -8.91
C CYS A 215 2.18 12.12 -10.03
N PHE A 216 1.63 13.33 -10.20
CA PHE A 216 0.61 13.54 -11.21
C PHE A 216 1.20 14.07 -12.51
N GLU A 217 2.51 13.97 -12.69
CA GLU A 217 3.08 14.23 -13.99
C GLU A 217 2.35 13.36 -15.02
N GLY A 218 1.93 13.99 -16.11
CA GLY A 218 1.28 13.26 -17.17
C GLY A 218 -0.23 13.24 -17.13
N VAL A 219 -0.87 13.80 -16.09
CA VAL A 219 -2.33 13.85 -16.13
C VAL A 219 -2.75 14.72 -17.32
N THR A 220 -3.92 14.41 -17.87
CA THR A 220 -4.41 15.10 -19.05
C THR A 220 -4.78 16.55 -18.74
N ALA A 221 -5.48 16.76 -17.63
CA ALA A 221 -5.93 18.10 -17.29
C ALA A 221 -6.08 18.20 -15.78
N ILE A 222 -5.89 19.42 -15.28
CA ILE A 222 -6.19 19.80 -13.91
C ILE A 222 -7.47 20.62 -13.94
N ILE A 223 -8.39 20.31 -13.03
CA ILE A 223 -9.55 21.15 -12.77
C ILE A 223 -9.34 21.79 -11.41
N PHE A 224 -9.12 23.11 -11.39
CA PHE A 224 -8.87 23.84 -10.17
C PHE A 224 -10.13 24.58 -9.71
N CYS A 225 -10.65 24.20 -8.55
CA CYS A 225 -11.89 24.79 -8.02
C CYS A 225 -11.61 25.96 -7.09
N VAL A 226 -12.36 27.05 -7.29
CA VAL A 226 -12.27 28.25 -6.46
C VAL A 226 -13.66 28.56 -5.93
N ALA A 227 -13.77 28.77 -4.62
CA ALA A 227 -15.04 29.22 -4.06
C ALA A 227 -15.14 30.73 -4.27
N LEU A 228 -15.91 31.16 -5.29
CA LEU A 228 -16.06 32.60 -5.51
C LEU A 228 -16.54 33.30 -4.26
N SER A 229 -17.46 32.68 -3.54
CA SER A 229 -18.08 33.29 -2.38
C SER A 229 -17.15 33.41 -1.19
N ASP A 230 -15.92 32.88 -1.26
CA ASP A 230 -15.00 33.09 -0.14
C ASP A 230 -14.45 34.51 -0.09
N TYR A 231 -14.79 35.37 -1.05
CA TYR A 231 -14.06 36.64 -1.17
C TYR A 231 -14.21 37.55 0.04
N ASP A 232 -15.33 37.49 0.76
CA ASP A 232 -15.56 38.43 1.85
C ASP A 232 -15.36 37.82 3.23
N LEU A 233 -14.74 36.65 3.32
CA LEU A 233 -14.63 35.99 4.61
C LEU A 233 -13.60 36.71 5.48
N VAL A 234 -14.00 37.06 6.71
CA VAL A 234 -13.08 37.74 7.62
C VAL A 234 -11.86 36.85 7.93
N LEU A 235 -10.70 37.51 8.06
CA LEU A 235 -9.46 36.82 8.40
C LEU A 235 -9.59 36.06 9.72
N ALA A 236 -8.92 34.92 9.79
CA ALA A 236 -8.89 34.13 11.02
C ALA A 236 -7.97 34.82 12.04
N GLU A 237 -7.79 34.14 13.19
CA GLU A 237 -7.06 34.75 14.31
C GLU A 237 -5.65 35.16 13.92
N ASP A 238 -4.87 34.23 13.37
CA ASP A 238 -3.52 34.51 12.91
C ASP A 238 -3.38 34.35 11.39
N GLU A 239 -4.49 34.47 10.66
CA GLU A 239 -4.47 34.28 9.21
C GLU A 239 -3.62 35.35 8.53
N GLU A 240 -2.77 34.90 7.61
CA GLU A 240 -1.89 35.81 6.88
C GLU A 240 -2.65 36.60 5.82
N MET A 241 -3.42 35.90 4.98
CA MET A 241 -4.17 36.53 3.90
C MET A 241 -5.59 35.98 3.89
N ASN A 242 -6.48 36.65 3.18
CA ASN A 242 -7.85 36.16 3.15
C ASN A 242 -7.94 34.88 2.29
N ARG A 243 -9.09 34.20 2.39
CA ARG A 243 -9.25 32.89 1.76
C ARG A 243 -9.03 32.95 0.25
N MET A 244 -9.52 34.01 -0.40
CA MET A 244 -9.36 34.11 -1.84
C MET A 244 -7.89 34.21 -2.22
N HIS A 245 -7.13 35.00 -1.46
CA HIS A 245 -5.69 35.10 -1.75
C HIS A 245 -4.96 33.80 -1.45
N GLU A 246 -5.41 33.02 -0.45
CA GLU A 246 -4.79 31.71 -0.26
C GLU A 246 -5.10 30.81 -1.46
N SER A 247 -6.31 30.91 -2.01
CA SER A 247 -6.63 30.17 -3.22
C SER A 247 -5.72 30.60 -4.37
N MET A 248 -5.53 31.92 -4.54
CA MET A 248 -4.66 32.40 -5.60
C MET A 248 -3.24 31.90 -5.42
N LYS A 249 -2.77 31.84 -4.17
CA LYS A 249 -1.43 31.34 -3.92
C LYS A 249 -1.30 29.88 -4.35
N LEU A 250 -2.29 29.06 -3.99
CA LEU A 250 -2.29 27.66 -4.43
C LEU A 250 -2.34 27.55 -5.94
N PHE A 251 -3.18 28.36 -6.59
CA PHE A 251 -3.30 28.26 -8.06
C PHE A 251 -2.00 28.65 -8.75
N ASP A 252 -1.39 29.75 -8.30
CA ASP A 252 -0.09 30.18 -8.81
C ASP A 252 0.91 29.03 -8.80
N SER A 253 1.00 28.34 -7.65
CA SER A 253 1.90 27.21 -7.48
C SER A 253 1.57 26.07 -8.43
N ILE A 254 0.28 25.77 -8.60
CA ILE A 254 -0.15 24.67 -9.46
C ILE A 254 0.02 25.04 -10.93
N CYS A 255 -0.55 26.18 -11.33
CA CYS A 255 -0.59 26.53 -12.74
C CYS A 255 0.81 26.55 -13.34
N ASN A 256 1.79 27.04 -12.59
CA ASN A 256 3.13 27.26 -13.07
C ASN A 256 4.11 26.12 -12.73
N ASN A 257 3.61 25.01 -12.20
CA ASN A 257 4.49 23.93 -11.77
C ASN A 257 5.13 23.23 -12.96
N LYS A 258 6.44 22.96 -12.85
CA LYS A 258 7.17 22.35 -13.96
C LYS A 258 6.58 21.00 -14.36
N TRP A 259 5.98 20.29 -13.40
CA TRP A 259 5.44 18.97 -13.69
C TRP A 259 4.15 19.01 -14.50
N PHE A 260 3.53 20.19 -14.63
CA PHE A 260 2.25 20.33 -15.32
C PHE A 260 2.41 21.11 -16.63
N THR A 261 3.61 21.08 -17.21
CA THR A 261 3.88 21.85 -18.42
C THR A 261 2.97 21.41 -19.57
N ASP A 262 2.79 20.11 -19.74
CA ASP A 262 1.95 19.56 -20.81
C ASP A 262 0.57 19.14 -20.31
N THR A 263 0.10 19.76 -19.24
CA THR A 263 -1.20 19.47 -18.65
C THR A 263 -2.11 20.69 -18.85
N SER A 264 -3.33 20.48 -19.34
CA SER A 264 -4.26 21.59 -19.46
C SER A 264 -4.75 22.05 -18.10
N ILE A 265 -4.81 23.36 -17.92
CA ILE A 265 -5.25 23.97 -16.67
C ILE A 265 -6.67 24.51 -16.89
N ILE A 266 -7.63 23.92 -16.19
CA ILE A 266 -9.02 24.32 -16.24
C ILE A 266 -9.37 24.95 -14.89
N LEU A 267 -10.00 26.11 -14.94
CA LEU A 267 -10.33 26.88 -13.74
C LEU A 267 -11.85 26.89 -13.59
N PHE A 268 -12.35 26.28 -12.51
CA PHE A 268 -13.77 26.34 -12.16
C PHE A 268 -13.96 27.45 -11.13
N LEU A 269 -14.44 28.61 -11.57
CA LEU A 269 -14.82 29.65 -10.62
C LEU A 269 -16.21 29.27 -10.11
N ASN A 270 -16.23 28.65 -8.93
CA ASN A 270 -17.36 27.89 -8.41
C ASN A 270 -18.13 28.69 -7.37
N LYS A 271 -19.30 28.17 -7.01
CA LYS A 271 -20.23 28.82 -6.07
C LYS A 271 -20.67 30.17 -6.61
N LYS A 272 -20.84 30.25 -7.94
CA LYS A 272 -21.28 31.51 -8.54
C LYS A 272 -22.66 31.90 -8.03
N ASP A 273 -23.49 30.92 -7.66
CA ASP A 273 -24.81 31.26 -7.14
C ASP A 273 -24.70 31.99 -5.81
N LEU A 274 -23.88 31.49 -4.88
CA LEU A 274 -23.69 32.18 -3.61
C LEU A 274 -22.99 33.52 -3.81
N PHE A 275 -22.04 33.58 -4.75
CA PHE A 275 -21.31 34.80 -5.00
C PHE A 275 -22.24 35.91 -5.53
N GLU A 276 -23.16 35.54 -6.42
CA GLU A 276 -24.06 36.54 -6.99
C GLU A 276 -24.95 37.16 -5.91
N GLU A 277 -25.36 36.36 -4.92
CA GLU A 277 -26.13 36.94 -3.82
C GLU A 277 -25.26 37.79 -2.90
N LYS A 278 -24.03 37.33 -2.60
CA LYS A 278 -23.20 38.07 -1.64
C LYS A 278 -22.77 39.43 -2.19
N ILE A 279 -22.45 39.48 -3.49
CA ILE A 279 -21.89 40.69 -4.05
C ILE A 279 -22.92 41.82 -4.07
N LYS A 280 -24.20 41.50 -3.89
CA LYS A 280 -25.23 42.53 -3.79
C LYS A 280 -25.05 43.36 -2.53
N LYS A 281 -24.51 42.76 -1.46
CA LYS A 281 -24.44 43.43 -0.16
C LYS A 281 -23.03 43.60 0.37
N SER A 282 -22.06 42.86 -0.14
CA SER A 282 -20.70 42.89 0.41
C SER A 282 -19.72 43.22 -0.71
N PRO A 283 -19.04 44.37 -0.66
CA PRO A 283 -18.24 44.80 -1.82
C PRO A 283 -16.98 43.99 -2.02
N LEU A 284 -16.56 43.90 -3.29
CA LEU A 284 -15.37 43.12 -3.63
C LEU A 284 -14.11 43.72 -3.02
N THR A 285 -14.12 45.01 -2.67
CA THR A 285 -12.96 45.63 -2.05
C THR A 285 -12.60 44.99 -0.72
N ILE A 286 -13.56 44.35 -0.04
CA ILE A 286 -13.16 43.56 1.12
C ILE A 286 -12.06 42.58 0.76
N CYS A 287 -12.12 42.02 -0.45
CA CYS A 287 -11.12 41.04 -0.86
C CYS A 287 -9.95 41.68 -1.57
N TYR A 288 -10.22 42.65 -2.44
CA TYR A 288 -9.21 43.30 -3.28
C TYR A 288 -9.36 44.80 -3.05
N PRO A 289 -8.63 45.36 -2.08
CA PRO A 289 -8.86 46.77 -1.74
C PRO A 289 -8.61 47.72 -2.90
N GLU A 290 -7.76 47.32 -3.86
CA GLU A 290 -7.49 48.15 -5.03
C GLU A 290 -8.57 48.09 -6.11
N TYR A 291 -9.61 47.26 -5.94
CA TYR A 291 -10.64 47.12 -6.97
C TYR A 291 -11.48 48.39 -7.09
N ALA A 292 -11.56 48.94 -8.30
CA ALA A 292 -12.29 50.17 -8.55
C ALA A 292 -13.53 49.98 -9.41
N GLY A 293 -13.89 48.75 -9.78
CA GLY A 293 -15.07 48.52 -10.59
C GLY A 293 -16.34 48.57 -9.75
N SER A 294 -17.45 48.18 -10.37
CA SER A 294 -18.71 48.15 -9.64
C SER A 294 -18.94 46.78 -9.01
N ASN A 295 -19.86 46.72 -8.05
CA ASN A 295 -20.19 45.44 -7.43
C ASN A 295 -21.35 44.75 -8.13
N THR A 296 -21.28 44.66 -9.45
CA THR A 296 -22.18 43.75 -10.12
C THR A 296 -21.55 42.38 -10.15
N TYR A 297 -22.40 41.36 -10.27
CA TYR A 297 -21.91 40.00 -10.45
C TYR A 297 -20.95 39.93 -11.61
N GLU A 298 -21.33 40.55 -12.73
CA GLU A 298 -20.57 40.39 -13.97
C GLU A 298 -19.19 41.04 -13.86
N GLU A 299 -19.14 42.27 -13.36
CA GLU A 299 -17.85 42.96 -13.25
C GLU A 299 -16.97 42.32 -12.20
N ALA A 300 -17.55 41.96 -11.05
CA ALA A 300 -16.75 41.38 -9.99
C ALA A 300 -16.22 40.00 -10.37
N ALA A 301 -17.06 39.18 -11.02
CA ALA A 301 -16.60 37.87 -11.47
C ALA A 301 -15.49 38.00 -12.51
N ALA A 302 -15.62 38.94 -13.44
CA ALA A 302 -14.57 39.14 -14.45
C ALA A 302 -13.28 39.57 -13.79
N TYR A 303 -13.36 40.43 -12.77
CA TYR A 303 -12.15 40.87 -12.09
C TYR A 303 -11.45 39.72 -11.38
N ILE A 304 -12.21 38.89 -10.67
CA ILE A 304 -11.62 37.72 -9.99
C ILE A 304 -10.95 36.81 -11.00
N GLN A 305 -11.65 36.50 -12.10
CA GLN A 305 -11.05 35.71 -13.18
C GLN A 305 -9.72 36.29 -13.62
N CYS A 306 -9.68 37.62 -13.82
N CYS A 306 -9.66 37.61 -13.81
CA CYS A 306 -8.43 38.26 -14.22
CA CYS A 306 -8.41 38.22 -14.24
C CYS A 306 -7.33 38.04 -13.19
C CYS A 306 -7.32 38.05 -13.20
N GLN A 307 -7.66 38.20 -11.91
CA GLN A 307 -6.65 38.03 -10.86
C GLN A 307 -6.08 36.61 -10.88
N PHE A 308 -6.91 35.60 -11.17
CA PHE A 308 -6.38 34.25 -11.23
C PHE A 308 -5.57 34.03 -12.51
N GLU A 309 -6.13 34.43 -13.66
CA GLU A 309 -5.45 34.19 -14.93
C GLU A 309 -4.15 34.95 -15.05
N ASP A 310 -4.03 36.11 -14.38
CA ASP A 310 -2.77 36.85 -14.41
C ASP A 310 -1.64 36.11 -13.71
N LEU A 311 -1.95 35.11 -12.88
CA LEU A 311 -0.90 34.35 -12.19
C LEU A 311 -0.12 33.44 -13.13
N ASN A 312 -0.67 33.16 -14.32
CA ASN A 312 -0.03 32.29 -15.30
C ASN A 312 1.26 32.96 -15.81
N LYS A 313 2.41 32.38 -15.48
CA LYS A 313 3.71 32.91 -15.89
C LYS A 313 4.10 32.53 -17.31
N ARG A 314 3.27 31.77 -18.02
CA ARG A 314 3.59 31.30 -19.37
C ARG A 314 2.41 31.53 -20.30
N LYS A 315 1.86 32.75 -20.30
CA LYS A 315 0.64 33.04 -21.06
C LYS A 315 0.78 32.74 -22.54
N ASP A 316 1.96 32.96 -23.12
CA ASP A 316 2.12 32.78 -24.57
C ASP A 316 2.15 31.29 -24.95
N THR A 317 2.62 30.43 -24.06
CA THR A 317 2.69 29.00 -24.35
C THR A 317 1.59 28.19 -23.69
N LYS A 318 0.92 28.73 -22.67
CA LYS A 318 -0.09 28.00 -21.90
C LYS A 318 -1.35 28.84 -21.76
N GLU A 319 -2.51 28.19 -21.92
CA GLU A 319 -3.81 28.85 -21.88
C GLU A 319 -4.65 28.25 -20.75
N ILE A 320 -5.30 29.11 -19.97
CA ILE A 320 -6.20 28.69 -18.89
C ILE A 320 -7.62 28.69 -19.43
N TYR A 321 -8.37 27.64 -19.14
CA TYR A 321 -9.74 27.47 -19.62
C TYR A 321 -10.66 27.70 -18.43
N THR A 322 -11.30 28.86 -18.40
CA THR A 322 -12.07 29.28 -17.24
C THR A 322 -13.56 29.06 -17.45
N HIS A 323 -14.20 28.43 -16.48
CA HIS A 323 -15.63 28.20 -16.44
C HIS A 323 -16.20 28.75 -15.14
N PHE A 324 -17.45 29.22 -15.21
CA PHE A 324 -18.17 29.73 -14.06
C PHE A 324 -19.25 28.71 -13.71
N THR A 325 -19.12 28.12 -12.51
CA THR A 325 -19.85 26.90 -12.18
C THR A 325 -20.65 27.08 -10.90
N CYS A 326 -21.72 26.32 -10.81
CA CYS A 326 -22.43 26.05 -9.56
C CYS A 326 -22.37 24.54 -9.39
N ALA A 327 -21.44 24.04 -8.56
CA ALA A 327 -21.15 22.62 -8.53
C ALA A 327 -22.36 21.79 -8.08
N THR A 328 -23.25 22.38 -7.30
CA THR A 328 -24.43 21.63 -6.86
C THR A 328 -25.53 21.58 -7.93
N ASP A 329 -25.34 22.25 -9.07
CA ASP A 329 -26.37 22.34 -10.12
C ASP A 329 -26.01 21.35 -11.23
N THR A 330 -26.75 20.23 -11.27
CA THR A 330 -26.38 19.13 -12.16
C THR A 330 -26.39 19.56 -13.62
N LYS A 331 -27.36 20.38 -14.01
CA LYS A 331 -27.40 20.80 -15.41
C LYS A 331 -26.22 21.69 -15.76
N ASN A 332 -25.80 22.57 -14.84
CA ASN A 332 -24.66 23.43 -15.14
C ASN A 332 -23.38 22.61 -15.24
N VAL A 333 -23.18 21.69 -14.31
CA VAL A 333 -21.97 20.89 -14.32
C VAL A 333 -21.95 20.01 -15.58
N GLN A 334 -23.09 19.44 -15.94
CA GLN A 334 -23.18 18.68 -17.20
C GLN A 334 -22.77 19.51 -18.41
N PHE A 335 -23.30 20.73 -18.51
CA PHE A 335 -22.96 21.59 -19.65
C PHE A 335 -21.47 21.94 -19.65
N VAL A 336 -20.94 22.30 -18.48
CA VAL A 336 -19.53 22.71 -18.40
C VAL A 336 -18.61 21.53 -18.68
N PHE A 337 -18.91 20.37 -18.10
CA PHE A 337 -18.06 19.21 -18.35
C PHE A 337 -18.16 18.76 -19.81
N ASP A 338 -19.31 18.97 -20.44
CA ASP A 338 -19.41 18.72 -21.87
C ASP A 338 -18.43 19.61 -22.64
N ALA A 339 -18.35 20.90 -22.29
CA ALA A 339 -17.42 21.81 -22.94
C ALA A 339 -15.98 21.43 -22.64
N VAL A 340 -15.67 21.11 -21.36
CA VAL A 340 -14.35 20.61 -21.01
C VAL A 340 -13.98 19.43 -21.90
N THR A 341 -14.91 18.50 -22.08
CA THR A 341 -14.62 17.31 -22.87
C THR A 341 -14.34 17.65 -24.32
N ASP A 342 -15.14 18.54 -24.90
CA ASP A 342 -14.92 18.93 -26.29
C ASP A 342 -13.54 19.54 -26.47
N VAL A 343 -13.11 20.36 -25.50
CA VAL A 343 -11.77 20.94 -25.58
C VAL A 343 -10.71 19.85 -25.54
N ILE A 344 -10.88 18.87 -24.65
CA ILE A 344 -9.94 17.76 -24.58
C ILE A 344 -9.92 16.99 -25.89
N ILE A 345 -11.09 16.76 -26.49
CA ILE A 345 -11.14 16.04 -27.77
C ILE A 345 -10.44 16.82 -28.86
N LYS A 346 -10.75 18.11 -28.99
CA LYS A 346 -10.16 18.91 -30.07
C LYS A 346 -8.65 19.09 -29.89
N ASN A 347 -8.14 19.00 -28.68
CA ASN A 347 -6.72 19.21 -28.43
C ASN A 347 -5.91 17.92 -28.50
N ASN A 348 -6.55 16.76 -28.52
CA ASN A 348 -5.88 15.45 -28.63
C ASN A 348 -6.90 14.33 -28.64
N SER B 7 4.92 37.66 27.72
CA SER B 7 6.16 37.24 27.09
C SER B 7 6.56 35.84 27.53
N GLU B 8 5.57 34.99 27.81
CA GLU B 8 5.86 33.59 28.10
C GLU B 8 6.44 32.89 26.88
N LEU B 9 5.84 33.12 25.71
CA LEU B 9 6.40 32.57 24.47
C LEU B 9 7.80 33.11 24.19
N ASP B 10 8.10 34.31 24.66
CA ASP B 10 9.46 34.84 24.52
C ASP B 10 10.42 34.10 25.44
N GLN B 11 10.03 33.89 26.70
CA GLN B 11 10.91 33.21 27.64
C GLN B 11 11.19 31.77 27.21
N LEU B 12 10.22 31.11 26.59
CA LEU B 12 10.42 29.74 26.14
C LEU B 12 11.25 29.68 24.87
N ARG B 13 10.95 30.55 23.90
CA ARG B 13 11.71 30.54 22.65
C ARG B 13 13.19 30.84 22.89
N GLN B 14 13.51 31.62 23.93
CA GLN B 14 14.90 31.88 24.27
C GLN B 14 15.53 30.72 25.04
N GLU B 15 14.74 30.04 25.87
CA GLU B 15 15.26 28.91 26.62
C GLU B 15 15.65 27.75 25.69
N ALA B 16 14.88 27.54 24.62
CA ALA B 16 15.23 26.52 23.66
C ALA B 16 16.58 26.82 23.00
N GLU B 17 16.90 28.09 22.78
CA GLU B 17 18.17 28.43 22.18
C GLU B 17 19.34 28.09 23.11
N GLN B 18 19.15 28.28 24.41
CA GLN B 18 20.19 27.92 25.36
C GLN B 18 20.36 26.40 25.44
N LEU B 19 19.24 25.67 25.40
CA LEU B 19 19.32 24.21 25.45
C LEU B 19 20.01 23.67 24.20
N LYS B 20 19.71 24.24 23.03
CA LYS B 20 20.43 23.88 21.81
C LYS B 20 21.92 24.13 21.95
N ASN B 21 22.29 25.26 22.58
CA ASN B 21 23.71 25.56 22.74
C ASN B 21 24.37 24.61 23.73
N GLN B 22 23.68 24.25 24.80
CA GLN B 22 24.19 23.23 25.71
C GLN B 22 24.46 21.93 24.98
N ILE B 23 23.49 21.50 24.16
CA ILE B 23 23.62 20.24 23.42
C ILE B 23 24.76 20.32 22.42
N ARG B 24 24.84 21.43 21.68
CA ARG B 24 25.97 21.65 20.79
C ARG B 24 27.29 21.55 21.55
N ASP B 25 27.36 22.15 22.74
CA ASP B 25 28.60 22.11 23.52
C ASP B 25 28.90 20.71 24.02
N ALA B 26 27.87 19.99 24.50
CA ALA B 26 28.07 18.61 24.92
C ALA B 26 28.55 17.75 23.75
N ARG B 27 27.99 17.98 22.56
CA ARG B 27 28.42 17.24 21.38
C ARG B 27 29.85 17.58 21.01
N LYS B 28 30.20 18.88 21.01
CA LYS B 28 31.59 19.27 20.74
C LYS B 28 32.54 18.65 21.75
N ALA B 29 32.11 18.53 23.01
CA ALA B 29 33.01 18.01 24.04
C ALA B 29 33.42 16.57 23.77
N CYS B 30 32.54 15.76 23.18
CA CYS B 30 32.97 14.40 22.90
C CYS B 30 33.39 14.16 21.46
N ALA B 31 33.51 15.22 20.67
CA ALA B 31 34.10 15.12 19.32
C ALA B 31 35.63 15.21 19.41
N ASP B 32 36.23 14.20 20.05
CA ASP B 32 37.67 14.20 20.25
C ASP B 32 38.44 13.84 18.98
N ALA B 33 37.78 13.24 18.00
CA ALA B 33 38.41 12.91 16.73
C ALA B 33 37.33 12.88 15.65
N THR B 34 37.76 12.67 14.40
CA THR B 34 36.83 12.48 13.31
C THR B 34 36.97 11.07 12.75
N LEU B 35 35.84 10.53 12.30
CA LEU B 35 35.84 9.23 11.65
C LEU B 35 36.89 9.17 10.54
N SER B 36 37.02 10.27 9.78
CA SER B 36 37.93 10.30 8.63
C SER B 36 39.37 10.07 9.06
N GLN B 37 39.82 10.75 10.11
CA GLN B 37 41.19 10.58 10.60
CA GLN B 37 41.20 10.55 10.54
C GLN B 37 41.37 9.21 11.25
N ILE B 38 40.31 8.69 11.89
CA ILE B 38 40.40 7.36 12.49
C ILE B 38 40.58 6.29 11.43
N THR B 39 39.96 6.46 10.26
CA THR B 39 40.02 5.43 9.22
C THR B 39 41.07 5.73 8.15
N ASN B 40 41.85 6.80 8.33
CA ASN B 40 42.81 7.19 7.31
C ASN B 40 43.77 6.07 6.94
N ASN B 41 44.10 5.19 7.90
CA ASN B 41 45.11 4.17 7.66
C ASN B 41 44.60 2.98 6.85
N ILE B 42 43.30 2.72 6.83
CA ILE B 42 42.83 1.47 6.23
C ILE B 42 42.79 1.60 4.71
N ASP B 43 42.92 0.46 4.05
CA ASP B 43 42.97 0.46 2.59
C ASP B 43 41.61 0.86 2.01
N PRO B 44 41.60 1.59 0.90
CA PRO B 44 40.33 1.83 0.20
C PRO B 44 39.78 0.51 -0.34
N VAL B 45 38.48 0.54 -0.65
CA VAL B 45 37.84 -0.69 -1.12
C VAL B 45 38.24 -1.00 -2.55
N GLY B 46 38.52 0.02 -3.36
CA GLY B 46 38.96 -0.23 -4.71
C GLY B 46 37.85 -0.55 -5.70
N ARG B 47 38.15 -1.46 -6.62
CA ARG B 47 37.29 -1.71 -7.78
C ARG B 47 35.97 -2.34 -7.33
N ILE B 48 34.91 -1.54 -7.33
CA ILE B 48 33.55 -2.04 -7.14
C ILE B 48 32.92 -2.08 -8.54
N GLN B 49 32.97 -3.24 -9.17
CA GLN B 49 32.43 -3.43 -10.52
C GLN B 49 31.23 -4.37 -10.42
N MET B 50 30.08 -3.80 -10.13
CA MET B 50 28.84 -4.58 -10.07
C MET B 50 28.18 -4.56 -11.44
N ARG B 51 27.57 -5.67 -11.81
CA ARG B 51 26.86 -5.76 -13.08
C ARG B 51 25.40 -6.06 -12.84
N THR B 52 24.54 -5.58 -13.75
CA THR B 52 23.15 -5.98 -13.73
C THR B 52 23.02 -7.47 -13.98
N ARG B 53 22.49 -8.21 -13.00
CA ARG B 53 22.27 -9.65 -13.16
C ARG B 53 20.85 -10.00 -13.56
N ARG B 54 19.89 -9.08 -13.36
CA ARG B 54 18.50 -9.31 -13.71
C ARG B 54 17.88 -7.96 -14.04
N THR B 55 17.00 -7.94 -15.03
CA THR B 55 16.13 -6.81 -15.24
C THR B 55 14.72 -7.32 -15.06
N LEU B 56 14.01 -6.79 -14.05
CA LEU B 56 12.66 -7.23 -13.75
C LEU B 56 11.69 -6.37 -14.56
N ARG B 57 11.05 -6.98 -15.54
CA ARG B 57 10.21 -6.26 -16.48
C ARG B 57 8.75 -6.59 -16.20
N GLY B 58 7.90 -5.58 -16.32
CA GLY B 58 6.46 -5.77 -16.25
C GLY B 58 5.67 -4.62 -15.69
N HIS B 59 6.27 -3.79 -14.84
CA HIS B 59 5.59 -2.55 -14.48
C HIS B 59 5.46 -1.66 -15.70
N LEU B 60 4.40 -0.86 -15.75
CA LEU B 60 4.15 -0.02 -16.92
C LEU B 60 4.02 1.45 -16.55
N ALA B 61 4.54 1.85 -15.41
CA ALA B 61 4.57 3.25 -14.99
C ALA B 61 5.71 3.39 -13.99
N LYS B 62 5.86 4.57 -13.39
CA LYS B 62 6.96 4.78 -12.45
C LYS B 62 6.88 3.80 -11.28
N ILE B 63 8.04 3.26 -10.89
CA ILE B 63 8.17 2.50 -9.65
C ILE B 63 8.57 3.46 -8.53
N TYR B 64 7.87 3.38 -7.41
CA TYR B 64 8.13 4.25 -6.26
C TYR B 64 8.77 3.56 -5.07
N ALA B 65 8.67 2.24 -4.95
CA ALA B 65 9.20 1.60 -3.75
C ALA B 65 9.42 0.12 -4.04
N MET B 66 10.29 -0.48 -3.23
CA MET B 66 10.48 -1.92 -3.21
C MET B 66 11.00 -2.35 -1.85
N HIS B 67 10.89 -3.65 -1.59
CA HIS B 67 11.40 -4.20 -0.34
C HIS B 67 11.69 -5.69 -0.54
N TRP B 68 12.90 -6.11 -0.20
CA TRP B 68 13.25 -7.52 -0.22
C TRP B 68 12.55 -8.27 0.91
N GLY B 69 12.07 -9.46 0.62
CA GLY B 69 11.71 -10.37 1.69
C GLY B 69 12.94 -10.90 2.41
N THR B 70 12.72 -11.46 3.59
CA THR B 70 13.86 -11.87 4.39
C THR B 70 14.53 -13.12 3.86
N ASP B 71 13.97 -13.80 2.86
CA ASP B 71 14.67 -14.93 2.26
C ASP B 71 15.70 -14.52 1.22
N SER B 72 15.88 -13.21 0.99
CA SER B 72 16.85 -12.69 0.01
C SER B 72 16.56 -13.13 -1.40
N ARG B 73 15.33 -13.58 -1.67
CA ARG B 73 14.98 -14.05 -3.00
C ARG B 73 13.71 -13.39 -3.54
N LEU B 74 12.64 -13.42 -2.75
CA LEU B 74 11.41 -12.72 -3.10
C LEU B 74 11.56 -11.24 -2.77
N LEU B 75 10.92 -10.40 -3.58
CA LEU B 75 10.82 -8.99 -3.28
C LEU B 75 9.49 -8.46 -3.80
N VAL B 76 9.03 -7.36 -3.20
CA VAL B 76 7.79 -6.70 -3.61
C VAL B 76 8.16 -5.32 -4.15
N SER B 77 7.46 -4.90 -5.20
CA SER B 77 7.64 -3.56 -5.75
C SER B 77 6.29 -2.92 -5.96
N ALA B 78 6.26 -1.59 -5.83
CA ALA B 78 5.04 -0.80 -5.94
C ALA B 78 5.22 0.26 -7.01
N SER B 79 4.23 0.36 -7.90
CA SER B 79 4.30 1.26 -9.06
C SER B 79 3.00 2.03 -9.23
N GLN B 80 3.10 3.21 -9.86
CA GLN B 80 1.91 3.99 -10.18
C GLN B 80 1.08 3.38 -11.30
N ASP B 81 1.45 2.22 -11.84
CA ASP B 81 0.54 1.49 -12.70
C ASP B 81 -0.55 0.77 -11.90
N GLY B 82 -0.64 1.03 -10.59
CA GLY B 82 -1.63 0.38 -9.76
C GLY B 82 -1.35 -1.07 -9.43
N LYS B 83 -0.11 -1.52 -9.59
CA LYS B 83 0.25 -2.93 -9.34
C LYS B 83 1.27 -3.02 -8.23
N LEU B 84 1.07 -3.98 -7.34
CA LEU B 84 2.05 -4.44 -6.38
C LEU B 84 2.51 -5.82 -6.86
N ILE B 85 3.76 -5.94 -7.30
CA ILE B 85 4.26 -7.20 -7.85
C ILE B 85 5.23 -7.84 -6.87
N ILE B 86 5.02 -9.14 -6.63
CA ILE B 86 5.98 -9.96 -5.90
C ILE B 86 6.74 -10.80 -6.93
N TRP B 87 8.05 -10.66 -6.90
CA TRP B 87 8.94 -11.30 -7.86
C TRP B 87 9.76 -12.36 -7.17
N ASP B 88 9.96 -13.48 -7.84
CA ASP B 88 11.05 -14.40 -7.54
C ASP B 88 12.27 -13.87 -8.28
N SER B 89 13.19 -13.22 -7.56
CA SER B 89 14.30 -12.56 -8.24
C SER B 89 15.29 -13.56 -8.87
N TYR B 90 15.32 -14.81 -8.42
CA TYR B 90 16.23 -15.79 -9.03
C TYR B 90 15.80 -16.17 -10.44
N THR B 91 14.50 -16.39 -10.65
CA THR B 91 14.00 -16.79 -11.95
C THR B 91 13.42 -15.63 -12.76
N THR B 92 13.13 -14.50 -12.12
CA THR B 92 12.33 -13.36 -12.59
C THR B 92 10.84 -13.68 -12.68
N ASN B 93 10.41 -14.88 -12.30
CA ASN B 93 8.98 -15.18 -12.30
C ASN B 93 8.22 -14.21 -11.43
N LYS B 94 7.06 -13.76 -11.92
CA LYS B 94 6.12 -13.04 -11.08
C LYS B 94 5.34 -14.06 -10.25
N VAL B 95 5.43 -13.91 -8.92
CA VAL B 95 4.69 -14.80 -8.02
C VAL B 95 3.24 -14.33 -7.88
N HIS B 96 3.07 -13.01 -7.66
CA HIS B 96 1.77 -12.36 -7.59
C HIS B 96 1.85 -11.00 -8.25
N ALA B 97 0.76 -10.58 -8.87
CA ALA B 97 0.56 -9.19 -9.28
C ALA B 97 -0.72 -8.70 -8.63
N ILE B 98 -0.59 -7.82 -7.64
CA ILE B 98 -1.72 -7.42 -6.79
C ILE B 98 -2.29 -6.13 -7.32
N PRO B 99 -3.57 -6.07 -7.67
CA PRO B 99 -4.16 -4.82 -8.17
C PRO B 99 -4.56 -3.91 -7.02
N LEU B 100 -4.06 -2.69 -7.03
CA LEU B 100 -4.22 -1.79 -5.90
C LEU B 100 -5.52 -0.99 -6.06
N ARG B 101 -6.20 -0.77 -4.93
CA ARG B 101 -7.42 0.04 -4.98
C ARG B 101 -7.10 1.49 -5.30
N SER B 102 -5.97 2.01 -4.82
CA SER B 102 -5.49 3.31 -5.20
C SER B 102 -4.11 3.14 -5.82
N SER B 103 -3.91 3.73 -6.98
CA SER B 103 -2.66 3.56 -7.69
C SER B 103 -1.59 4.56 -7.30
N TRP B 104 -1.89 5.51 -6.41
CA TRP B 104 -0.96 6.60 -6.12
C TRP B 104 -0.06 6.23 -4.94
N VAL B 105 0.67 5.13 -5.13
CA VAL B 105 1.45 4.49 -4.07
C VAL B 105 2.80 5.17 -3.89
N MET B 106 3.28 5.14 -2.66
CA MET B 106 4.61 5.67 -2.36
C MET B 106 5.50 4.72 -1.61
N THR B 107 4.95 3.66 -1.01
CA THR B 107 5.75 2.78 -0.18
C THR B 107 5.18 1.38 -0.23
N CYS B 108 6.06 0.39 -0.02
CA CYS B 108 5.62 -0.97 0.24
C CYS B 108 6.62 -1.61 1.18
N ALA B 109 6.20 -2.71 1.79
CA ALA B 109 7.03 -3.41 2.76
C ALA B 109 6.67 -4.88 2.71
N TYR B 110 7.66 -5.72 2.98
CA TYR B 110 7.48 -7.16 3.07
C TYR B 110 7.58 -7.52 4.55
N ALA B 111 6.57 -8.20 5.07
CA ALA B 111 6.64 -8.65 6.46
C ALA B 111 7.77 -9.66 6.59
N PRO B 112 8.53 -9.62 7.70
CA PRO B 112 9.63 -10.59 7.82
C PRO B 112 9.17 -12.03 7.76
N SER B 113 7.93 -12.32 8.15
CA SER B 113 7.42 -13.68 8.05
C SER B 113 7.20 -14.13 6.61
N GLY B 114 7.11 -13.21 5.66
CA GLY B 114 6.65 -13.54 4.32
C GLY B 114 5.15 -13.71 4.16
N ASN B 115 4.36 -13.53 5.22
CA ASN B 115 2.93 -13.80 5.13
C ASN B 115 2.12 -12.62 4.61
N TYR B 116 2.68 -11.41 4.63
CA TYR B 116 1.96 -10.18 4.34
C TYR B 116 2.90 -9.22 3.63
N VAL B 117 2.32 -8.37 2.78
CA VAL B 117 2.98 -7.15 2.31
C VAL B 117 2.07 -5.97 2.69
N ALA B 118 2.63 -4.77 2.64
CA ALA B 118 1.91 -3.53 2.91
C ALA B 118 2.26 -2.51 1.83
N CYS B 119 1.35 -1.55 1.64
N CYS B 119 1.32 -1.57 1.58
CA CYS B 119 1.69 -0.42 0.79
CA CYS B 119 1.47 -0.57 0.53
C CYS B 119 0.71 0.71 1.07
C CYS B 119 0.50 0.61 0.77
N GLY B 120 0.92 1.80 0.37
CA GLY B 120 0.03 2.96 0.50
C GLY B 120 0.71 4.18 -0.05
N GLY B 121 -0.02 5.30 0.01
CA GLY B 121 0.43 6.52 -0.65
C GLY B 121 -0.54 7.67 -0.44
N LEU B 122 -0.97 8.28 -1.55
CA LEU B 122 -1.86 9.45 -1.47
C LEU B 122 -3.26 9.09 -0.99
N ASP B 123 -3.56 7.80 -0.80
CA ASP B 123 -4.80 7.45 -0.11
C ASP B 123 -4.69 7.65 1.39
N ASN B 124 -3.49 7.95 1.90
CA ASN B 124 -3.25 8.16 3.32
C ASN B 124 -3.53 6.91 4.13
N ILE B 125 -3.47 5.73 3.49
CA ILE B 125 -3.87 4.47 4.09
C ILE B 125 -2.69 3.50 4.01
N CYS B 126 -2.45 2.75 5.07
CA CYS B 126 -1.51 1.63 4.99
C CYS B 126 -2.33 0.36 4.83
N SER B 127 -2.31 -0.21 3.63
CA SER B 127 -3.10 -1.40 3.32
C SER B 127 -2.22 -2.63 3.53
N ILE B 128 -2.79 -3.61 4.23
CA ILE B 128 -2.13 -4.87 4.54
C ILE B 128 -2.71 -5.95 3.66
N TYR B 129 -1.84 -6.76 3.04
CA TYR B 129 -2.24 -7.77 2.06
C TYR B 129 -1.79 -9.14 2.53
N ASN B 130 -2.74 -10.07 2.60
CA ASN B 130 -2.49 -11.43 3.05
C ASN B 130 -2.03 -12.25 1.84
N LEU B 131 -0.81 -12.77 1.90
CA LEU B 131 -0.27 -13.54 0.79
C LEU B 131 -0.63 -15.02 0.86
N LYS B 132 -1.24 -15.47 1.95
CA LYS B 132 -1.44 -16.90 2.19
C LYS B 132 -2.92 -17.20 2.44
N THR B 133 -3.79 -16.82 1.50
CA THR B 133 -5.21 -17.04 1.73
C THR B 133 -5.61 -18.45 1.31
N ARG B 134 -6.73 -18.92 1.87
CA ARG B 134 -7.33 -20.18 1.42
C ARG B 134 -7.82 -20.07 -0.02
N GLU B 135 -8.25 -18.87 -0.44
CA GLU B 135 -8.78 -18.68 -1.78
C GLU B 135 -7.69 -18.76 -2.85
N GLY B 136 -6.43 -18.57 -2.48
CA GLY B 136 -5.33 -18.74 -3.39
C GLY B 136 -4.82 -17.44 -4.00
N ASN B 137 -5.61 -16.38 -3.94
CA ASN B 137 -5.16 -15.06 -4.39
C ASN B 137 -4.86 -14.18 -3.18
N VAL B 138 -4.30 -13.00 -3.45
CA VAL B 138 -3.94 -12.03 -2.42
C VAL B 138 -5.16 -11.19 -2.11
N ARG B 139 -5.44 -10.99 -0.82
CA ARG B 139 -6.60 -10.21 -0.39
C ARG B 139 -6.16 -9.11 0.56
N VAL B 140 -6.77 -7.92 0.43
CA VAL B 140 -6.61 -6.90 1.45
C VAL B 140 -7.15 -7.41 2.77
N SER B 141 -6.29 -7.50 3.78
CA SER B 141 -6.81 -7.90 5.09
C SER B 141 -7.11 -6.70 6.00
N ARG B 142 -6.45 -5.56 5.81
CA ARG B 142 -6.71 -4.40 6.64
C ARG B 142 -6.40 -3.17 5.84
N GLU B 143 -7.19 -2.13 6.05
CA GLU B 143 -6.87 -0.78 5.56
C GLU B 143 -6.67 0.07 6.81
N LEU B 144 -5.41 0.39 7.13
CA LEU B 144 -5.07 1.15 8.33
C LEU B 144 -5.29 2.64 8.09
N ALA B 145 -6.36 3.17 8.66
CA ALA B 145 -6.77 4.55 8.41
C ALA B 145 -6.52 5.41 9.64
N GLY B 146 -6.15 6.67 9.40
CA GLY B 146 -5.91 7.60 10.49
C GLY B 146 -4.85 8.63 10.20
N HIS B 147 -3.85 8.34 9.35
CA HIS B 147 -3.00 9.42 8.90
C HIS B 147 -3.82 10.44 8.12
N THR B 148 -3.41 11.70 8.18
CA THR B 148 -4.11 12.77 7.48
C THR B 148 -3.28 13.34 6.34
N GLY B 149 -2.12 12.74 6.06
CA GLY B 149 -1.34 13.04 4.87
C GLY B 149 -0.82 11.74 4.30
N TYR B 150 -0.11 11.84 3.19
CA TYR B 150 0.27 10.63 2.45
C TYR B 150 1.12 9.70 3.31
N LEU B 151 1.00 8.40 3.03
CA LEU B 151 1.85 7.37 3.63
C LEU B 151 3.18 7.35 2.89
N SER B 152 4.27 7.68 3.57
CA SER B 152 5.56 7.74 2.89
C SER B 152 6.41 6.50 3.09
N CYS B 153 6.19 5.74 4.15
CA CYS B 153 7.03 4.58 4.42
C CYS B 153 6.33 3.72 5.46
N CYS B 154 6.64 2.44 5.47
CA CYS B 154 6.10 1.53 6.48
C CYS B 154 7.01 0.31 6.56
N ARG B 155 7.08 -0.28 7.76
CA ARG B 155 7.87 -1.49 8.03
C ARG B 155 7.15 -2.32 9.09
N PHE B 156 6.95 -3.60 8.81
CA PHE B 156 6.37 -4.49 9.81
C PHE B 156 7.35 -4.74 10.94
N LEU B 157 6.84 -4.81 12.17
N LEU B 157 6.84 -4.81 12.17
CA LEU B 157 7.60 -5.42 13.26
CA LEU B 157 7.60 -5.42 13.26
C LEU B 157 7.42 -6.93 13.26
C LEU B 157 7.42 -6.93 13.25
N ASP B 158 6.20 -7.38 13.01
CA ASP B 158 5.84 -8.78 12.85
C ASP B 158 4.46 -8.78 12.20
N ASP B 159 3.79 -9.93 12.18
CA ASP B 159 2.51 -10.01 11.49
C ASP B 159 1.39 -9.19 12.16
N ASN B 160 1.54 -8.73 13.40
CA ASN B 160 0.52 -8.02 14.15
CA ASN B 160 0.44 -7.97 14.00
C ASN B 160 0.78 -6.52 14.28
N GLN B 161 2.00 -6.07 14.02
CA GLN B 161 2.33 -4.67 14.27
C GLN B 161 3.15 -4.09 13.13
N ILE B 162 2.87 -2.83 12.80
CA ILE B 162 3.55 -2.18 11.69
C ILE B 162 3.73 -0.71 12.05
N VAL B 163 4.87 -0.13 11.67
CA VAL B 163 5.16 1.28 11.90
CA VAL B 163 5.17 1.29 11.90
C VAL B 163 5.06 2.03 10.57
N THR B 164 4.46 3.22 10.60
CA THR B 164 4.26 4.03 9.41
C THR B 164 4.83 5.42 9.61
N SER B 165 5.23 6.06 8.51
CA SER B 165 5.55 7.48 8.51
C SER B 165 4.65 8.18 7.50
N SER B 166 4.38 9.47 7.71
CA SER B 166 3.39 10.17 6.92
C SER B 166 3.78 11.63 6.68
N GLY B 167 3.36 12.15 5.52
CA GLY B 167 3.43 13.58 5.28
C GLY B 167 2.68 14.43 6.30
N ASP B 168 1.81 13.83 7.12
CA ASP B 168 1.18 14.63 8.18
C ASP B 168 2.13 14.98 9.34
N THR B 169 3.42 14.61 9.26
CA THR B 169 4.53 14.86 10.22
C THR B 169 4.57 13.88 11.39
N THR B 170 3.72 12.86 11.40
CA THR B 170 3.73 11.86 12.47
C THR B 170 4.22 10.52 11.93
N CYS B 171 4.66 9.66 12.85
CA CYS B 171 4.75 8.23 12.63
C CYS B 171 3.81 7.56 13.61
N ALA B 172 3.49 6.31 13.35
CA ALA B 172 2.53 5.62 14.20
C ALA B 172 2.88 4.15 14.24
N LEU B 173 2.63 3.54 15.41
CA LEU B 173 2.66 2.10 15.58
C LEU B 173 1.21 1.60 15.60
N TRP B 174 0.92 0.59 14.78
CA TRP B 174 -0.44 0.10 14.59
C TRP B 174 -0.60 -1.31 15.14
N ASP B 175 -1.76 -1.57 15.73
CA ASP B 175 -2.24 -2.92 15.97
C ASP B 175 -3.03 -3.32 14.73
N ILE B 176 -2.48 -4.25 13.95
CA ILE B 176 -3.12 -4.57 12.66
C ILE B 176 -4.48 -5.22 12.88
N GLU B 177 -4.56 -6.14 13.85
CA GLU B 177 -5.83 -6.81 14.16
C GLU B 177 -6.96 -5.83 14.41
N THR B 178 -6.74 -4.83 15.26
CA THR B 178 -7.80 -3.90 15.61
C THR B 178 -7.85 -2.70 14.68
N GLY B 179 -6.83 -2.52 13.85
CA GLY B 179 -6.82 -1.37 12.98
C GLY B 179 -6.52 -0.03 13.63
N GLN B 180 -6.05 -0.02 14.87
CA GLN B 180 -5.85 1.23 15.61
C GLN B 180 -4.38 1.59 15.70
N GLN B 181 -4.09 2.89 15.57
CA GLN B 181 -2.83 3.44 16.03
C GLN B 181 -2.76 3.30 17.54
N THR B 182 -1.89 2.43 18.05
CA THR B 182 -1.83 2.29 19.50
C THR B 182 -0.73 3.14 20.15
N THR B 183 0.34 3.46 19.44
CA THR B 183 1.35 4.38 19.92
C THR B 183 1.65 5.36 18.80
N THR B 184 1.80 6.64 19.12
CA THR B 184 2.13 7.63 18.12
CA THR B 184 2.13 7.64 18.12
C THR B 184 3.53 8.20 18.37
N PHE B 185 4.11 8.73 17.30
CA PHE B 185 5.46 9.30 17.35
C PHE B 185 5.36 10.69 16.77
N THR B 186 5.23 11.70 17.63
CA THR B 186 5.04 13.08 17.21
C THR B 186 6.26 13.91 17.59
N GLY B 187 6.53 14.93 16.79
CA GLY B 187 7.63 15.83 17.08
C GLY B 187 8.34 16.38 15.87
N HIS B 188 8.33 15.64 14.76
CA HIS B 188 8.75 16.24 13.50
C HIS B 188 7.83 17.42 13.18
N THR B 189 8.41 18.45 12.56
CA THR B 189 7.64 19.62 12.16
C THR B 189 7.48 19.73 10.65
N GLY B 190 7.86 18.70 9.90
CA GLY B 190 7.63 18.64 8.48
C GLY B 190 7.39 17.19 8.07
N ASP B 191 6.94 17.02 6.83
CA ASP B 191 6.61 15.69 6.30
C ASP B 191 7.69 14.67 6.63
N VAL B 192 7.26 13.53 7.18
CA VAL B 192 8.18 12.41 7.39
C VAL B 192 8.21 11.57 6.12
N MET B 193 9.41 11.38 5.57
CA MET B 193 9.59 10.78 4.27
C MET B 193 10.03 9.32 4.30
N SER B 194 10.62 8.86 5.41
N SER B 194 10.62 8.87 5.41
CA SER B 194 11.29 7.57 5.40
CA SER B 194 11.25 7.56 5.42
C SER B 194 11.54 7.13 6.83
C SER B 194 11.47 7.13 6.86
N LEU B 195 11.53 5.83 7.06
CA LEU B 195 11.86 5.28 8.37
C LEU B 195 12.63 3.99 8.19
N SER B 196 13.37 3.61 9.23
CA SER B 196 14.20 2.42 9.19
C SER B 196 14.19 1.79 10.57
N LEU B 197 13.85 0.50 10.62
CA LEU B 197 13.78 -0.22 11.88
C LEU B 197 15.17 -0.70 12.29
N ALA B 198 15.50 -0.54 13.58
CA ALA B 198 16.75 -1.12 14.06
C ALA B 198 16.68 -2.64 13.89
N PRO B 199 17.84 -3.31 13.73
CA PRO B 199 17.82 -4.78 13.60
C PRO B 199 17.08 -5.50 14.73
N ASP B 200 17.18 -5.03 15.98
CA ASP B 200 16.42 -5.64 17.05
C ASP B 200 14.99 -5.09 17.18
N THR B 201 14.58 -4.20 16.28
CA THR B 201 13.24 -3.60 16.23
C THR B 201 12.86 -2.84 17.50
N ARG B 202 13.81 -2.51 18.37
CA ARG B 202 13.47 -1.71 19.54
C ARG B 202 13.50 -0.22 19.28
N LEU B 203 14.21 0.21 18.24
CA LEU B 203 14.31 1.60 17.84
C LEU B 203 13.99 1.69 16.35
N PHE B 204 13.55 2.87 15.91
CA PHE B 204 13.54 3.18 14.49
C PHE B 204 13.96 4.64 14.32
N VAL B 205 14.50 4.96 13.15
CA VAL B 205 14.87 6.33 12.82
C VAL B 205 14.00 6.81 11.67
N SER B 206 13.72 8.12 11.65
CA SER B 206 12.91 8.74 10.62
C SER B 206 13.63 9.94 10.03
N GLY B 207 13.37 10.22 8.77
CA GLY B 207 13.90 11.41 8.12
C GLY B 207 12.74 12.22 7.61
N ALA B 208 12.81 13.53 7.79
CA ALA B 208 11.68 14.40 7.51
C ALA B 208 12.09 15.63 6.72
N CYS B 209 11.08 16.36 6.24
CA CYS B 209 11.29 17.63 5.54
C CYS B 209 11.58 18.79 6.47
N ASP B 210 11.68 18.57 7.77
CA ASP B 210 12.28 19.61 8.59
C ASP B 210 13.81 19.52 8.59
N ALA B 211 14.36 18.70 7.69
CA ALA B 211 15.79 18.49 7.52
C ALA B 211 16.45 17.81 8.73
N SER B 212 15.66 17.21 9.61
CA SER B 212 16.19 16.50 10.76
C SER B 212 15.91 15.00 10.64
N ALA B 213 16.74 14.20 11.32
CA ALA B 213 16.45 12.79 11.55
C ALA B 213 16.18 12.59 13.04
N LYS B 214 15.27 11.68 13.36
CA LYS B 214 14.89 11.43 14.75
C LYS B 214 14.96 9.94 15.06
N LEU B 215 15.55 9.63 16.20
CA LEU B 215 15.61 8.27 16.73
C LEU B 215 14.46 8.10 17.69
N TRP B 216 13.66 7.07 17.49
CA TRP B 216 12.44 6.85 18.26
C TRP B 216 12.58 5.56 19.05
N ASP B 217 12.04 5.57 20.26
CA ASP B 217 11.95 4.38 21.09
C ASP B 217 10.60 3.75 20.82
N VAL B 218 10.60 2.55 20.23
CA VAL B 218 9.37 1.93 19.75
C VAL B 218 8.37 1.73 20.88
N ARG B 219 8.81 1.11 21.98
CA ARG B 219 7.88 0.73 23.04
C ARG B 219 7.53 1.90 23.96
N GLU B 220 8.41 2.90 24.08
CA GLU B 220 8.10 4.07 24.90
C GLU B 220 7.32 5.14 24.13
N GLY B 221 7.33 5.09 22.80
CA GLY B 221 6.55 6.05 22.04
C GLY B 221 7.07 7.47 22.11
N MET B 222 8.38 7.66 22.09
CA MET B 222 8.90 9.02 22.15
C MET B 222 10.24 9.08 21.43
N CYS B 223 10.68 10.32 21.22
CA CYS B 223 11.90 10.62 20.50
C CYS B 223 13.08 10.65 21.46
N ARG B 224 14.04 9.76 21.26
CA ARG B 224 15.24 9.73 22.10
C ARG B 224 16.24 10.80 21.69
N GLN B 225 16.46 10.98 20.38
CA GLN B 225 17.51 11.87 19.89
C GLN B 225 17.06 12.53 18.61
N THR B 226 17.61 13.73 18.34
CA THR B 226 17.31 14.49 17.13
C THR B 226 18.62 14.91 16.47
N PHE B 227 18.73 14.67 15.16
CA PHE B 227 19.97 14.86 14.42
C PHE B 227 19.76 15.87 13.31
N THR B 228 20.54 16.95 13.34
CA THR B 228 20.52 17.99 12.34
C THR B 228 21.85 18.03 11.61
N GLY B 229 21.91 18.88 10.59
CA GLY B 229 23.10 19.00 9.76
C GLY B 229 22.74 19.12 8.28
N HIS B 230 21.70 18.41 7.84
CA HIS B 230 21.25 18.53 6.47
C HIS B 230 20.66 19.91 6.21
N GLU B 231 20.80 20.36 4.96
CA GLU B 231 20.29 21.66 4.54
C GLU B 231 18.92 21.59 3.89
N SER B 232 18.40 20.40 3.59
CA SER B 232 17.07 20.29 3.00
CA SER B 232 17.08 20.28 2.98
C SER B 232 16.49 18.93 3.37
N ASP B 233 15.36 18.59 2.74
CA ASP B 233 14.60 17.40 3.09
C ASP B 233 15.47 16.15 3.15
N ILE B 234 15.20 15.32 4.15
CA ILE B 234 15.76 13.97 4.20
C ILE B 234 14.71 13.05 3.59
N ASN B 235 15.04 12.49 2.42
CA ASN B 235 14.12 11.62 1.70
C ASN B 235 14.28 10.15 2.08
N ALA B 236 15.40 9.79 2.70
CA ALA B 236 15.72 8.38 2.85
C ALA B 236 16.61 8.20 4.07
N ILE B 237 16.52 7.02 4.67
CA ILE B 237 17.27 6.77 5.91
C ILE B 237 17.42 5.27 6.08
N CYS B 238 18.55 4.85 6.65
CA CYS B 238 18.82 3.43 6.82
CA CYS B 238 18.81 3.42 6.84
C CYS B 238 19.79 3.20 7.97
N PHE B 239 19.49 2.23 8.82
CA PHE B 239 20.38 1.88 9.93
C PHE B 239 21.67 1.22 9.41
N PHE B 240 22.78 1.55 10.05
CA PHE B 240 24.00 0.75 9.94
C PHE B 240 23.76 -0.63 10.58
N PRO B 241 24.36 -1.69 10.03
CA PRO B 241 23.93 -3.06 10.40
C PRO B 241 24.03 -3.42 11.87
N ASN B 242 24.95 -2.82 12.64
CA ASN B 242 24.99 -3.10 14.08
C ASN B 242 24.04 -2.23 14.89
N GLY B 243 23.27 -1.37 14.25
CA GLY B 243 22.24 -0.62 14.94
C GLY B 243 22.72 0.56 15.74
N ASN B 244 24.01 0.91 15.65
CA ASN B 244 24.59 1.98 16.43
C ASN B 244 24.78 3.26 15.64
N ALA B 245 24.39 3.28 14.37
CA ALA B 245 24.54 4.46 13.54
C ALA B 245 23.52 4.34 12.42
N PHE B 246 23.37 5.40 11.64
CA PHE B 246 22.46 5.36 10.51
C PHE B 246 22.90 6.37 9.46
N ALA B 247 22.37 6.21 8.26
CA ALA B 247 22.69 7.09 7.17
C ALA B 247 21.41 7.70 6.62
N THR B 248 21.54 8.94 6.14
CA THR B 248 20.42 9.68 5.56
C THR B 248 20.75 10.04 4.12
N GLY B 249 19.72 10.28 3.34
CA GLY B 249 19.87 10.80 1.98
C GLY B 249 18.93 11.98 1.80
N SER B 250 19.44 13.06 1.22
CA SER B 250 18.77 14.35 1.28
C SER B 250 18.65 15.00 -0.09
N ASP B 251 17.71 15.94 -0.20
CA ASP B 251 17.62 16.83 -1.36
C ASP B 251 18.82 17.76 -1.48
N ASP B 252 19.66 17.87 -0.45
CA ASP B 252 20.85 18.70 -0.55
C ASP B 252 21.99 17.99 -1.26
N ALA B 253 21.73 16.85 -1.90
CA ALA B 253 22.69 16.10 -2.70
C ALA B 253 23.75 15.38 -1.87
N THR B 254 23.63 15.36 -0.54
CA THR B 254 24.57 14.61 0.29
C THR B 254 23.88 13.43 0.97
N CYS B 255 24.66 12.40 1.27
CA CYS B 255 24.31 11.44 2.31
C CYS B 255 25.14 11.76 3.55
N ARG B 256 24.63 11.39 4.71
CA ARG B 256 25.35 11.65 5.94
C ARG B 256 25.24 10.46 6.87
N LEU B 257 26.33 10.21 7.59
CA LEU B 257 26.37 9.18 8.62
C LEU B 257 26.27 9.82 10.00
N PHE B 258 25.35 9.30 10.80
CA PHE B 258 25.11 9.78 12.16
C PHE B 258 25.33 8.64 13.14
N ASP B 259 25.97 8.94 14.27
CA ASP B 259 26.24 7.95 15.31
C ASP B 259 25.34 8.21 16.51
N LEU B 260 24.68 7.15 17.00
CA LEU B 260 23.73 7.31 18.10
C LEU B 260 24.43 7.62 19.42
N ARG B 261 25.40 6.78 19.82
CA ARG B 261 25.99 6.92 21.14
C ARG B 261 26.84 8.18 21.25
N ALA B 262 27.45 8.62 20.16
CA ALA B 262 28.14 9.92 20.19
C ALA B 262 27.20 11.08 19.87
N ASP B 263 25.96 10.79 19.47
CA ASP B 263 24.90 11.80 19.33
C ASP B 263 25.28 12.89 18.32
N GLN B 264 25.82 12.49 17.16
CA GLN B 264 26.19 13.52 16.19
C GLN B 264 26.59 12.90 14.86
N GLU B 265 26.65 13.77 13.85
CA GLU B 265 27.10 13.43 12.51
C GLU B 265 28.57 13.07 12.49
N LEU B 266 28.91 12.01 11.75
CA LEU B 266 30.29 11.56 11.63
C LEU B 266 30.90 11.81 10.27
N MET B 267 30.09 11.91 9.21
CA MET B 267 30.66 11.92 7.87
C MET B 267 29.61 12.34 6.86
N THR B 268 30.08 12.98 5.79
CA THR B 268 29.27 13.40 4.66
C THR B 268 29.77 12.72 3.39
N TYR B 269 28.85 12.35 2.51
CA TYR B 269 29.20 11.67 1.27
C TYR B 269 28.65 12.53 0.14
N SER B 270 29.55 13.19 -0.60
CA SER B 270 29.12 14.13 -1.63
CA SER B 270 29.12 14.11 -1.64
C SER B 270 30.25 14.36 -2.62
N HIS B 271 29.86 14.78 -3.83
CA HIS B 271 30.76 15.24 -4.87
C HIS B 271 30.29 16.62 -5.33
N ASP B 272 31.23 17.50 -5.64
CA ASP B 272 30.89 18.86 -6.02
C ASP B 272 30.02 18.92 -7.27
N ASN B 273 30.20 17.98 -8.20
CA ASN B 273 29.41 17.98 -9.43
C ASN B 273 28.15 17.13 -9.33
N ILE B 274 27.77 16.69 -8.13
CA ILE B 274 26.50 16.01 -7.89
C ILE B 274 25.63 16.95 -7.08
N ILE B 275 24.57 17.46 -7.70
CA ILE B 275 23.71 18.46 -7.10
C ILE B 275 22.25 18.03 -7.04
N CYS B 276 21.92 16.84 -7.53
CA CYS B 276 20.53 16.41 -7.56
C CYS B 276 20.14 15.74 -6.24
N GLY B 277 18.83 15.51 -6.09
CA GLY B 277 18.35 14.88 -4.88
C GLY B 277 18.69 13.41 -4.80
N ILE B 278 18.69 12.93 -3.55
CA ILE B 278 18.85 11.53 -3.21
C ILE B 278 17.50 10.98 -2.76
N THR B 279 17.16 9.80 -3.25
CA THR B 279 15.85 9.19 -3.02
C THR B 279 15.89 8.03 -2.04
N SER B 280 17.07 7.46 -1.77
CA SER B 280 17.11 6.15 -1.14
C SER B 280 18.54 5.84 -0.73
N VAL B 281 18.71 5.13 0.39
CA VAL B 281 20.02 4.74 0.90
C VAL B 281 19.95 3.34 1.49
N SER B 282 21.07 2.64 1.45
CA SER B 282 21.16 1.32 2.05
C SER B 282 22.63 0.97 2.26
N PHE B 283 22.90 0.18 3.30
CA PHE B 283 24.26 -0.29 3.57
C PHE B 283 24.44 -1.70 2.99
N SER B 284 25.66 -2.02 2.61
CA SER B 284 25.99 -3.43 2.39
C SER B 284 25.99 -4.17 3.72
N LYS B 285 26.11 -5.49 3.66
CA LYS B 285 25.94 -6.33 4.85
C LYS B 285 26.94 -5.96 5.95
N SER B 286 28.18 -5.66 5.59
CA SER B 286 29.18 -5.31 6.59
C SER B 286 29.14 -3.85 7.00
N GLY B 287 28.32 -3.03 6.35
CA GLY B 287 28.31 -1.61 6.58
C GLY B 287 29.37 -0.84 5.84
N ARG B 288 30.30 -1.52 5.17
CA ARG B 288 31.42 -0.82 4.54
C ARG B 288 30.97 0.04 3.36
N LEU B 289 29.94 -0.40 2.62
CA LEU B 289 29.45 0.31 1.45
C LEU B 289 28.11 0.97 1.77
N LEU B 290 27.98 2.22 1.38
CA LEU B 290 26.73 2.96 1.47
C LEU B 290 26.22 3.20 0.05
N LEU B 291 25.11 2.56 -0.31
CA LEU B 291 24.53 2.69 -1.63
C LEU B 291 23.40 3.71 -1.59
N ALA B 292 23.36 4.59 -2.58
CA ALA B 292 22.41 5.68 -2.57
C ALA B 292 21.87 5.89 -3.98
N GLY B 293 20.57 6.13 -4.07
CA GLY B 293 19.91 6.35 -5.36
C GLY B 293 19.67 7.82 -5.59
N TYR B 294 19.91 8.28 -6.83
CA TYR B 294 19.93 9.69 -7.16
C TYR B 294 18.94 10.03 -8.26
N ASP B 295 18.43 11.27 -8.19
CA ASP B 295 17.54 11.79 -9.24
C ASP B 295 18.22 11.81 -10.62
N ASP B 296 19.56 11.77 -10.68
CA ASP B 296 20.25 11.80 -11.97
C ASP B 296 20.27 10.44 -12.67
N PHE B 297 19.48 9.45 -12.21
CA PHE B 297 19.28 8.10 -12.78
C PHE B 297 20.33 7.09 -12.33
N ASN B 298 21.30 7.47 -11.52
CA ASN B 298 22.39 6.58 -11.14
C ASN B 298 22.29 6.18 -9.67
N CYS B 299 22.94 5.07 -9.33
N CYS B 299 22.98 5.10 -9.34
CA CYS B 299 23.22 4.72 -7.94
CA CYS B 299 23.25 4.73 -7.96
C CYS B 299 24.72 4.90 -7.71
C CYS B 299 24.74 4.90 -7.69
N ASN B 300 25.08 5.65 -6.67
CA ASN B 300 26.47 5.81 -6.27
C ASN B 300 26.76 4.93 -5.07
N VAL B 301 27.92 4.30 -5.07
CA VAL B 301 28.38 3.42 -4.01
C VAL B 301 29.51 4.12 -3.29
N TRP B 302 29.28 4.47 -2.01
CA TRP B 302 30.25 5.17 -1.20
C TRP B 302 30.96 4.21 -0.26
N ASP B 303 32.24 4.49 -0.02
CA ASP B 303 32.99 3.88 1.07
C ASP B 303 32.53 4.56 2.36
N ALA B 304 31.80 3.83 3.19
CA ALA B 304 31.16 4.44 4.35
C ALA B 304 32.17 4.88 5.39
N LEU B 305 33.35 4.26 5.41
CA LEU B 305 34.38 4.60 6.39
C LEU B 305 35.30 5.72 5.93
N LYS B 306 35.51 5.89 4.62
CA LYS B 306 36.46 6.87 4.11
C LYS B 306 35.85 7.96 3.24
N ALA B 307 34.57 7.87 2.89
CA ALA B 307 33.80 8.89 2.18
C ALA B 307 34.16 9.02 0.69
N ASP B 308 35.09 8.21 0.19
CA ASP B 308 35.33 8.17 -1.24
C ASP B 308 34.21 7.42 -1.94
N ARG B 309 33.87 7.88 -3.15
CA ARG B 309 32.96 7.09 -3.98
C ARG B 309 33.72 5.87 -4.49
N ALA B 310 33.13 4.69 -4.29
CA ALA B 310 33.77 3.45 -4.73
C ALA B 310 33.26 2.95 -6.07
N GLY B 311 32.05 3.32 -6.48
CA GLY B 311 31.47 2.70 -7.66
C GLY B 311 30.14 3.34 -8.04
N VAL B 312 29.66 2.95 -9.21
CA VAL B 312 28.43 3.50 -9.78
C VAL B 312 27.61 2.37 -10.35
N LEU B 313 26.30 2.45 -10.18
CA LEU B 313 25.35 1.57 -10.87
C LEU B 313 24.56 2.47 -11.81
N ALA B 314 24.81 2.35 -13.11
CA ALA B 314 24.18 3.21 -14.12
C ALA B 314 23.41 2.30 -15.06
N GLY B 315 22.12 2.11 -14.79
CA GLY B 315 21.35 1.19 -15.59
C GLY B 315 19.91 1.60 -15.79
N HIS B 316 19.58 2.83 -15.45
CA HIS B 316 18.21 3.31 -15.55
C HIS B 316 18.15 4.56 -16.40
N ASP B 317 16.97 4.79 -16.99
CA ASP B 317 16.72 5.90 -17.89
C ASP B 317 15.90 7.01 -17.25
N ASN B 318 15.73 6.96 -15.93
CA ASN B 318 14.93 7.91 -15.18
C ASN B 318 15.32 7.70 -13.71
N ARG B 319 14.78 8.56 -12.85
CA ARG B 319 15.18 8.57 -11.44
C ARG B 319 15.29 7.18 -10.85
N VAL B 320 16.38 6.92 -10.13
CA VAL B 320 16.38 5.77 -9.23
C VAL B 320 15.56 6.18 -8.01
N SER B 321 14.45 5.50 -7.78
CA SER B 321 13.55 5.93 -6.72
C SER B 321 13.67 5.10 -5.45
N CYS B 322 14.30 3.93 -5.52
CA CYS B 322 14.33 3.05 -4.37
C CYS B 322 15.45 2.04 -4.57
N LEU B 323 15.92 1.49 -3.46
CA LEU B 323 16.88 0.41 -3.54
C LEU B 323 16.82 -0.36 -2.24
N GLY B 324 17.42 -1.54 -2.25
CA GLY B 324 17.53 -2.35 -1.06
C GLY B 324 18.54 -3.45 -1.27
N VAL B 325 19.20 -3.82 -0.18
CA VAL B 325 20.20 -4.88 -0.16
C VAL B 325 19.60 -6.07 0.58
N THR B 326 19.79 -7.27 0.02
CA THR B 326 19.25 -8.47 0.64
C THR B 326 19.85 -8.70 2.02
N ASP B 327 19.09 -9.42 2.85
CA ASP B 327 19.58 -9.77 4.19
C ASP B 327 20.84 -10.63 4.13
N ASP B 328 20.98 -11.48 3.11
CA ASP B 328 22.21 -12.26 3.00
C ASP B 328 23.34 -11.45 2.36
N GLY B 329 23.09 -10.23 1.91
CA GLY B 329 24.15 -9.39 1.38
C GLY B 329 24.52 -9.67 -0.06
N MET B 330 23.86 -10.63 -0.71
CA MET B 330 24.27 -11.11 -2.02
C MET B 330 23.92 -10.16 -3.16
N ALA B 331 22.92 -9.29 -3.01
CA ALA B 331 22.47 -8.50 -4.15
C ALA B 331 21.91 -7.15 -3.70
N VAL B 332 21.94 -6.18 -4.60
CA VAL B 332 21.20 -4.95 -4.41
C VAL B 332 20.19 -4.84 -5.55
N ALA B 333 18.98 -4.42 -5.20
CA ALA B 333 17.95 -4.09 -6.18
C ALA B 333 17.83 -2.57 -6.30
N THR B 334 17.62 -2.09 -7.52
CA THR B 334 17.28 -0.70 -7.78
C THR B 334 15.93 -0.64 -8.48
N GLY B 335 15.08 0.30 -8.07
CA GLY B 335 13.80 0.52 -8.72
C GLY B 335 13.79 1.94 -9.26
N SER B 336 13.05 2.15 -10.34
CA SER B 336 13.23 3.38 -11.10
C SER B 336 11.91 3.91 -11.65
N TRP B 337 11.86 5.24 -11.81
CA TRP B 337 10.79 5.84 -12.60
C TRP B 337 10.74 5.30 -14.03
N ASP B 338 11.81 4.66 -14.53
CA ASP B 338 11.77 4.16 -15.91
C ASP B 338 10.99 2.86 -16.05
N SER B 339 10.36 2.40 -14.96
CA SER B 339 9.44 1.25 -14.84
C SER B 339 10.17 -0.08 -14.65
N PHE B 340 11.50 -0.08 -14.49
CA PHE B 340 12.21 -1.34 -14.33
C PHE B 340 12.85 -1.41 -12.94
N LEU B 341 13.05 -2.63 -12.47
CA LEU B 341 13.96 -2.94 -11.38
C LEU B 341 15.16 -3.71 -11.92
N LYS B 342 16.33 -3.47 -11.34
CA LYS B 342 17.49 -4.24 -11.71
C LYS B 342 18.13 -4.83 -10.47
N ILE B 343 18.62 -6.07 -10.60
CA ILE B 343 19.38 -6.73 -9.54
C ILE B 343 20.85 -6.71 -9.92
N TRP B 344 21.70 -6.25 -8.99
CA TRP B 344 23.12 -6.06 -9.23
C TRP B 344 23.96 -6.81 -8.20
N ASN B 345 25.09 -7.33 -8.66
CA ASN B 345 26.19 -7.68 -7.78
C ASN B 345 27.44 -7.89 -8.62
N ASN C 5 -2.01 32.22 19.10
CA ASN C 5 -1.01 32.47 20.14
C ASN C 5 -0.98 31.35 21.16
N THR C 6 -2.17 30.91 21.61
CA THR C 6 -2.25 29.87 22.63
C THR C 6 -1.77 28.52 22.14
N ALA C 7 -1.69 28.30 20.83
CA ALA C 7 -1.13 27.08 20.28
C ALA C 7 0.39 27.18 20.14
N SER C 8 0.91 28.37 19.89
CA SER C 8 2.36 28.54 19.81
C SER C 8 3.02 28.38 21.17
N ILE C 9 2.30 28.73 22.25
CA ILE C 9 2.89 28.61 23.57
C ILE C 9 2.92 27.15 24.01
N ALA C 10 1.95 26.34 23.60
CA ALA C 10 1.96 24.93 23.98
C ALA C 10 3.03 24.16 23.24
N GLN C 11 3.21 24.46 21.95
CA GLN C 11 4.24 23.79 21.17
C GLN C 11 5.64 24.21 21.60
N ALA C 12 5.80 25.46 22.06
CA ALA C 12 7.13 25.94 22.40
C ALA C 12 7.66 25.26 23.65
N ARG C 13 6.79 24.97 24.62
CA ARG C 13 7.23 24.26 25.82
C ARG C 13 7.40 22.77 25.57
N LYS C 14 6.72 22.21 24.57
CA LYS C 14 7.00 20.83 24.17
C LYS C 14 8.42 20.72 23.59
N LEU C 15 8.86 21.74 22.86
CA LEU C 15 10.23 21.75 22.35
C LEU C 15 11.23 21.86 23.49
N VAL C 16 10.91 22.64 24.52
CA VAL C 16 11.79 22.77 25.67
C VAL C 16 11.86 21.46 26.44
N GLU C 17 10.71 20.80 26.64
CA GLU C 17 10.73 19.52 27.32
C GLU C 17 11.60 18.51 26.56
N GLN C 18 11.50 18.50 25.23
CA GLN C 18 12.27 17.55 24.43
C GLN C 18 13.76 17.86 24.49
N LEU C 19 14.12 19.16 24.38
CA LEU C 19 15.52 19.53 24.42
C LEU C 19 16.11 19.27 25.80
N LYS C 20 15.37 19.59 26.86
CA LYS C 20 15.82 19.28 28.21
C LYS C 20 16.18 17.80 28.32
N MET C 21 15.29 16.94 27.83
CA MET C 21 15.55 15.50 27.89
C MET C 21 16.82 15.16 27.11
N GLU C 22 16.92 15.65 25.87
CA GLU C 22 18.05 15.31 25.02
C GLU C 22 19.38 15.82 25.60
N ALA C 23 19.35 16.93 26.34
CA ALA C 23 20.60 17.45 26.89
C ALA C 23 21.20 16.50 27.92
N ASN C 24 20.37 15.72 28.60
CA ASN C 24 20.78 14.91 29.74
C ASN C 24 21.25 13.50 29.32
N ILE C 25 21.31 13.20 28.02
CA ILE C 25 21.62 11.82 27.65
C ILE C 25 23.12 11.55 27.84
N ASP C 26 23.45 10.26 27.93
CA ASP C 26 24.82 9.79 28.05
C ASP C 26 25.46 9.74 26.66
N ARG C 27 26.61 10.39 26.48
CA ARG C 27 27.29 10.42 25.18
C ARG C 27 28.68 9.79 25.31
N ILE C 28 29.12 9.12 24.24
CA ILE C 28 30.47 8.57 24.18
C ILE C 28 31.32 9.45 23.27
N LYS C 29 32.62 9.19 23.28
CA LYS C 29 33.57 9.94 22.45
C LYS C 29 33.46 9.49 21.01
N VAL C 30 33.60 10.44 20.08
CA VAL C 30 33.58 10.08 18.65
C VAL C 30 34.70 9.07 18.35
N SER C 31 35.86 9.24 18.99
CA SER C 31 36.95 8.29 18.74
C SER C 31 36.53 6.86 19.09
N LYS C 32 35.84 6.67 20.21
CA LYS C 32 35.32 5.35 20.52
C LYS C 32 34.23 4.94 19.53
N ALA C 33 33.31 5.86 19.22
CA ALA C 33 32.25 5.53 18.28
C ALA C 33 32.82 5.14 16.91
N ALA C 34 33.79 5.92 16.41
CA ALA C 34 34.37 5.63 15.11
C ALA C 34 35.17 4.34 15.12
N ALA C 35 35.88 4.08 16.22
CA ALA C 35 36.64 2.84 16.33
C ALA C 35 35.71 1.63 16.26
N ASP C 36 34.55 1.70 16.93
CA ASP C 36 33.63 0.57 16.95
C ASP C 36 33.06 0.30 15.57
N LEU C 37 32.77 1.36 14.79
CA LEU C 37 32.23 1.15 13.45
C LEU C 37 33.29 0.51 12.55
N MET C 38 34.52 1.03 12.58
CA MET C 38 35.60 0.43 11.81
C MET C 38 35.83 -1.03 12.20
N ALA C 39 35.77 -1.33 13.50
CA ALA C 39 35.93 -2.72 13.94
C ALA C 39 34.81 -3.60 13.41
N TYR C 40 33.58 -3.08 13.34
CA TYR C 40 32.48 -3.87 12.81
C TYR C 40 32.70 -4.19 11.34
N CYS C 41 33.05 -3.18 10.55
CA CYS C 41 33.31 -3.40 9.14
C CYS C 41 34.41 -4.44 8.93
N GLU C 42 35.52 -4.27 9.65
CA GLU C 42 36.63 -5.22 9.50
C GLU C 42 36.21 -6.63 9.89
N ALA C 43 35.45 -6.76 10.98
CA ALA C 43 35.05 -8.08 11.44
C ALA C 43 34.08 -8.78 10.49
N HIS C 44 33.31 -8.04 9.70
CA HIS C 44 32.30 -8.68 8.86
C HIS C 44 32.61 -8.60 7.37
N ALA C 45 33.76 -8.06 6.98
CA ALA C 45 34.06 -7.85 5.57
C ALA C 45 34.00 -9.15 4.78
N LYS C 46 34.43 -10.26 5.39
CA LYS C 46 34.52 -11.51 4.65
C LYS C 46 33.15 -12.08 4.30
N GLU C 47 32.12 -11.77 5.08
CA GLU C 47 30.78 -12.23 4.78
C GLU C 47 29.96 -11.20 4.02
N ASP C 48 30.60 -10.19 3.45
CA ASP C 48 29.91 -9.17 2.66
C ASP C 48 30.15 -9.46 1.19
N PRO C 49 29.19 -10.07 0.48
CA PRO C 49 29.42 -10.44 -0.93
C PRO C 49 29.51 -9.25 -1.86
N LEU C 50 29.03 -8.06 -1.47
CA LEU C 50 29.20 -6.90 -2.33
C LEU C 50 30.58 -6.28 -2.16
N LEU C 51 31.14 -6.40 -0.96
CA LEU C 51 32.48 -5.91 -0.73
C LEU C 51 33.52 -6.82 -1.37
N THR C 52 33.46 -8.11 -1.03
CA THR C 52 34.44 -9.11 -1.47
C THR C 52 33.69 -10.18 -2.26
N PRO C 53 33.58 -10.01 -3.58
CA PRO C 53 32.70 -10.89 -4.38
C PRO C 53 33.12 -12.35 -4.32
N VAL C 54 32.12 -13.22 -4.43
CA VAL C 54 32.28 -14.67 -4.31
C VAL C 54 32.39 -15.28 -5.70
N PRO C 55 32.90 -16.51 -5.83
CA PRO C 55 32.97 -17.13 -7.16
C PRO C 55 31.59 -17.30 -7.75
N ALA C 56 31.55 -17.33 -9.09
CA ALA C 56 30.27 -17.38 -9.80
C ALA C 56 29.45 -18.60 -9.42
N SER C 57 30.08 -19.68 -8.97
CA SER C 57 29.36 -20.87 -8.53
C SER C 57 28.64 -20.65 -7.22
N GLU C 58 29.07 -19.69 -6.41
CA GLU C 58 28.42 -19.35 -5.15
C GLU C 58 27.42 -18.22 -5.28
N ASN C 59 27.21 -17.71 -6.49
CA ASN C 59 26.40 -16.50 -6.70
C ASN C 59 25.07 -16.90 -7.32
N PRO C 60 23.97 -16.87 -6.57
CA PRO C 60 22.67 -17.30 -7.14
C PRO C 60 22.30 -16.57 -8.42
N PHE C 61 22.71 -15.32 -8.58
CA PHE C 61 22.36 -14.56 -9.76
C PHE C 61 23.33 -14.77 -10.91
N ARG C 62 24.15 -15.82 -10.86
CA ARG C 62 24.90 -16.24 -12.03
C ARG C 62 24.83 -17.74 -12.30
N GLU C 63 24.10 -18.52 -11.50
CA GLU C 63 24.28 -19.98 -11.49
C GLU C 63 23.57 -20.69 -12.64
N LYS C 64 22.24 -20.68 -12.66
CA LYS C 64 21.48 -21.50 -13.60
C LYS C 64 20.78 -20.66 -14.66
N ASP D 1 -14.82 -20.49 2.35
CA ASP D 1 -14.92 -21.93 2.53
C ASP D 1 -14.66 -22.68 1.21
N VAL D 2 -13.53 -23.39 1.15
CA VAL D 2 -13.13 -24.06 -0.09
C VAL D 2 -13.96 -25.32 -0.28
N GLN D 3 -14.58 -25.45 -1.45
CA GLN D 3 -15.38 -26.62 -1.77
C GLN D 3 -15.01 -27.15 -3.15
N LEU D 4 -14.90 -28.48 -3.24
CA LEU D 4 -14.84 -29.18 -4.53
C LEU D 4 -15.82 -30.33 -4.46
N VAL D 5 -16.79 -30.33 -5.37
CA VAL D 5 -17.90 -31.29 -5.35
C VAL D 5 -17.91 -32.00 -6.70
N GLU D 6 -17.46 -33.25 -6.72
CA GLU D 6 -17.49 -34.07 -7.92
C GLU D 6 -18.88 -34.66 -8.13
N SER D 7 -19.22 -34.92 -9.39
CA SER D 7 -20.47 -35.56 -9.72
C SER D 7 -20.31 -36.26 -11.06
N GLY D 8 -21.32 -37.03 -11.44
CA GLY D 8 -21.33 -37.75 -12.70
C GLY D 8 -21.06 -39.23 -12.57
N GLY D 9 -20.69 -39.70 -11.39
CA GLY D 9 -20.46 -41.13 -11.18
C GLY D 9 -21.69 -41.98 -11.40
N GLY D 10 -21.55 -43.29 -11.21
CA GLY D 10 -22.65 -44.21 -11.40
C GLY D 10 -22.14 -45.53 -11.95
N LEU D 11 -23.10 -46.39 -12.31
CA LEU D 11 -22.80 -47.66 -12.93
C LEU D 11 -22.93 -47.51 -14.44
N VAL D 12 -21.93 -48.00 -15.17
CA VAL D 12 -21.90 -47.91 -16.62
C VAL D 12 -21.43 -49.25 -17.18
N GLN D 13 -21.96 -49.62 -18.33
CA GLN D 13 -21.52 -50.83 -19.00
C GLN D 13 -20.14 -50.61 -19.61
N PRO D 14 -19.32 -51.65 -19.71
CA PRO D 14 -18.02 -51.52 -20.38
C PRO D 14 -18.19 -51.05 -21.82
N GLY D 15 -17.22 -50.26 -22.28
CA GLY D 15 -17.28 -49.66 -23.60
C GLY D 15 -18.10 -48.39 -23.70
N GLY D 16 -18.85 -48.04 -22.65
CA GLY D 16 -19.67 -46.84 -22.67
C GLY D 16 -18.86 -45.59 -22.34
N SER D 17 -19.59 -44.48 -22.28
CA SER D 17 -18.99 -43.18 -22.02
C SER D 17 -19.67 -42.50 -20.84
N ARG D 18 -18.92 -41.62 -20.18
CA ARG D 18 -19.41 -40.96 -18.97
C ARG D 18 -18.59 -39.70 -18.74
N LYS D 19 -19.27 -38.59 -18.44
CA LYS D 19 -18.60 -37.34 -18.13
C LYS D 19 -18.75 -37.07 -16.63
N LEU D 20 -17.61 -36.95 -15.94
CA LEU D 20 -17.61 -36.48 -14.57
C LEU D 20 -17.48 -34.97 -14.56
N SER D 21 -18.02 -34.35 -13.53
CA SER D 21 -17.90 -32.92 -13.30
C SER D 21 -17.35 -32.68 -11.91
N CYS D 22 -16.64 -31.57 -11.74
CA CYS D 22 -16.17 -31.12 -10.44
C CYS D 22 -16.50 -29.64 -10.32
N SER D 23 -17.32 -29.30 -9.32
CA SER D 23 -17.82 -27.94 -9.13
C SER D 23 -17.05 -27.28 -7.98
N ALA D 24 -16.45 -26.14 -8.27
CA ALA D 24 -15.55 -25.46 -7.36
C ALA D 24 -16.22 -24.21 -6.80
N SER D 25 -16.00 -23.96 -5.51
CA SER D 25 -16.47 -22.71 -4.93
C SER D 25 -15.58 -22.35 -3.75
N GLY D 26 -15.56 -21.06 -3.43
CA GLY D 26 -14.81 -20.58 -2.30
C GLY D 26 -13.33 -20.35 -2.57
N PHE D 27 -12.89 -20.40 -3.81
CA PHE D 27 -11.51 -20.03 -4.11
C PHE D 27 -11.42 -19.55 -5.55
N ALA D 28 -10.26 -18.97 -5.89
CA ALA D 28 -10.01 -18.43 -7.24
C ALA D 28 -9.71 -19.60 -8.19
N PHE D 29 -10.79 -20.26 -8.63
CA PHE D 29 -10.68 -21.50 -9.39
C PHE D 29 -9.72 -21.38 -10.56
N SER D 30 -9.82 -20.30 -11.34
CA SER D 30 -9.03 -20.24 -12.57
C SER D 30 -7.53 -20.05 -12.31
N SER D 31 -7.13 -19.64 -11.09
CA SER D 31 -5.72 -19.52 -10.74
C SER D 31 -5.07 -20.87 -10.42
N PHE D 32 -5.85 -21.93 -10.23
CA PHE D 32 -5.30 -23.21 -9.82
C PHE D 32 -5.23 -24.16 -11.02
N GLY D 33 -4.11 -24.88 -11.14
CA GLY D 33 -4.14 -26.13 -11.87
C GLY D 33 -5.08 -27.11 -11.20
N MET D 34 -5.55 -28.09 -11.98
CA MET D 34 -6.52 -29.05 -11.48
C MET D 34 -6.14 -30.45 -11.96
N HIS D 35 -6.30 -31.43 -11.07
CA HIS D 35 -6.02 -32.83 -11.38
C HIS D 35 -7.23 -33.70 -11.08
N TRP D 36 -7.28 -34.85 -11.75
CA TRP D 36 -8.13 -35.98 -11.37
C TRP D 36 -7.23 -37.09 -10.85
N VAL D 37 -7.52 -37.56 -9.64
CA VAL D 37 -6.85 -38.71 -9.03
C VAL D 37 -7.94 -39.75 -8.74
N ARG D 38 -7.67 -41.01 -9.02
CA ARG D 38 -8.68 -42.03 -8.78
C ARG D 38 -8.17 -43.11 -7.84
N GLN D 39 -9.12 -43.83 -7.23
CA GLN D 39 -8.81 -44.84 -6.23
C GLN D 39 -9.70 -46.04 -6.48
N ALA D 40 -9.12 -47.15 -6.92
CA ALA D 40 -9.88 -48.38 -7.10
C ALA D 40 -10.34 -48.90 -5.74
N PRO D 41 -11.44 -49.70 -5.71
CA PRO D 41 -12.11 -50.04 -4.44
C PRO D 41 -11.23 -50.35 -3.24
N GLU D 42 -10.35 -51.34 -3.33
CA GLU D 42 -9.49 -51.69 -2.20
C GLU D 42 -8.03 -51.33 -2.45
N LYS D 43 -7.78 -50.22 -3.16
CA LYS D 43 -6.45 -49.92 -3.67
C LYS D 43 -6.00 -48.49 -3.35
N GLY D 44 -4.83 -48.10 -3.86
CA GLY D 44 -4.25 -46.81 -3.56
C GLY D 44 -4.69 -45.72 -4.53
N LEU D 45 -3.97 -44.61 -4.49
CA LEU D 45 -4.28 -43.47 -5.33
C LEU D 45 -3.51 -43.57 -6.65
N GLU D 46 -4.16 -43.17 -7.73
CA GLU D 46 -3.52 -43.17 -9.03
C GLU D 46 -3.87 -41.89 -9.76
N TRP D 47 -2.85 -41.16 -10.21
CA TRP D 47 -3.07 -39.90 -10.91
C TRP D 47 -3.61 -40.18 -12.31
N VAL D 48 -4.59 -39.38 -12.73
CA VAL D 48 -5.28 -39.59 -13.99
C VAL D 48 -4.99 -38.50 -15.01
N ALA D 49 -5.16 -37.23 -14.63
CA ALA D 49 -4.98 -36.18 -15.61
C ALA D 49 -4.78 -34.84 -14.93
N TYR D 50 -4.21 -33.90 -15.68
CA TYR D 50 -3.87 -32.56 -15.21
C TYR D 50 -4.22 -31.53 -16.26
N ILE D 51 -4.83 -30.44 -15.84
CA ILE D 51 -5.01 -29.28 -16.70
C ILE D 51 -4.52 -28.06 -15.94
N SER D 52 -3.56 -27.34 -16.52
CA SER D 52 -2.97 -26.20 -15.81
C SER D 52 -3.96 -25.05 -15.71
N SER D 53 -3.65 -24.12 -14.80
CA SER D 53 -4.29 -22.82 -14.80
C SER D 53 -4.07 -22.13 -16.14
N GLY D 54 -5.17 -21.71 -16.77
CA GLY D 54 -5.14 -21.15 -18.11
C GLY D 54 -5.31 -22.17 -19.22
N SER D 55 -5.34 -23.46 -18.89
CA SER D 55 -5.56 -24.57 -19.80
C SER D 55 -4.46 -24.73 -20.83
N GLY D 56 -3.30 -24.08 -20.65
CA GLY D 56 -2.24 -24.18 -21.62
C GLY D 56 -1.54 -25.51 -21.64
N THR D 57 -1.61 -26.27 -20.55
CA THR D 57 -0.85 -27.50 -20.40
C THR D 57 -1.78 -28.60 -19.91
N ILE D 58 -1.78 -29.73 -20.61
CA ILE D 58 -2.62 -30.88 -20.28
C ILE D 58 -1.74 -32.12 -20.35
N TYR D 59 -1.81 -32.95 -19.30
CA TYR D 59 -1.13 -34.24 -19.25
C TYR D 59 -2.13 -35.33 -18.90
N TYR D 60 -1.94 -36.52 -19.48
CA TYR D 60 -2.75 -37.69 -19.18
C TYR D 60 -1.85 -38.81 -18.70
N ALA D 61 -2.39 -39.68 -17.85
CA ALA D 61 -1.74 -40.95 -17.58
C ALA D 61 -1.85 -41.86 -18.81
N ASP D 62 -0.83 -42.70 -19.00
CA ASP D 62 -0.78 -43.58 -20.17
C ASP D 62 -2.03 -44.45 -20.27
N THR D 63 -2.45 -45.05 -19.16
CA THR D 63 -3.58 -45.98 -19.15
C THR D 63 -4.89 -45.29 -19.53
N VAL D 64 -4.82 -43.99 -19.81
CA VAL D 64 -6.02 -43.19 -20.04
C VAL D 64 -5.96 -42.37 -21.31
N LYS D 65 -4.78 -42.13 -21.89
CA LYS D 65 -4.67 -41.33 -23.10
C LYS D 65 -5.48 -41.94 -24.23
N GLY D 66 -6.11 -41.08 -25.02
CA GLY D 66 -7.00 -41.51 -26.07
C GLY D 66 -8.46 -41.68 -25.65
N ARG D 67 -8.70 -42.12 -24.41
CA ARG D 67 -10.04 -42.40 -23.93
C ARG D 67 -10.63 -41.28 -23.09
N PHE D 68 -9.84 -40.65 -22.20
CA PHE D 68 -10.31 -39.61 -21.31
C PHE D 68 -9.87 -38.24 -21.81
N THR D 69 -10.75 -37.25 -21.65
CA THR D 69 -10.44 -35.86 -21.95
C THR D 69 -10.71 -35.01 -20.71
N ILE D 70 -9.69 -34.26 -20.26
CA ILE D 70 -9.87 -33.30 -19.17
C ILE D 70 -10.11 -31.92 -19.78
N SER D 71 -11.04 -31.18 -19.19
CA SER D 71 -11.33 -29.82 -19.63
C SER D 71 -11.85 -29.08 -18.42
N ARG D 72 -11.90 -27.75 -18.53
CA ARG D 72 -12.44 -26.91 -17.46
C ARG D 72 -13.26 -25.79 -18.07
N ASP D 73 -14.27 -25.34 -17.34
CA ASP D 73 -15.10 -24.18 -17.70
C ASP D 73 -14.86 -23.13 -16.61
N ASP D 74 -13.88 -22.26 -16.84
CA ASP D 74 -13.51 -21.30 -15.79
C ASP D 74 -14.64 -20.35 -15.44
N PRO D 75 -15.36 -19.75 -16.40
CA PRO D 75 -16.51 -18.91 -16.01
C PRO D 75 -17.52 -19.63 -15.13
N LYS D 76 -17.71 -20.93 -15.34
CA LYS D 76 -18.64 -21.71 -14.53
C LYS D 76 -17.94 -22.50 -13.43
N ASN D 77 -16.65 -22.24 -13.17
CA ASN D 77 -15.96 -22.84 -12.02
C ASN D 77 -16.09 -24.35 -11.99
N THR D 78 -15.92 -24.99 -13.14
CA THR D 78 -16.16 -26.42 -13.24
C THR D 78 -15.00 -27.12 -13.94
N LEU D 79 -14.64 -28.29 -13.42
CA LEU D 79 -13.66 -29.18 -14.02
C LEU D 79 -14.38 -30.40 -14.56
N PHE D 80 -13.96 -30.89 -15.72
CA PHE D 80 -14.60 -32.05 -16.33
C PHE D 80 -13.59 -33.16 -16.60
N LEU D 81 -14.11 -34.39 -16.61
CA LEU D 81 -13.38 -35.56 -17.10
C LEU D 81 -14.35 -36.34 -17.98
N GLN D 82 -14.16 -36.25 -19.31
CA GLN D 82 -14.99 -36.97 -20.27
C GLN D 82 -14.33 -38.31 -20.54
N MET D 83 -15.01 -39.39 -20.14
CA MET D 83 -14.47 -40.73 -20.28
C MET D 83 -15.18 -41.47 -21.42
N THR D 84 -14.41 -42.29 -22.14
CA THR D 84 -14.94 -43.12 -23.22
C THR D 84 -14.27 -44.48 -23.17
N SER D 85 -14.88 -45.45 -23.86
CA SER D 85 -14.36 -46.82 -23.93
C SER D 85 -14.05 -47.36 -22.54
N LEU D 86 -15.01 -47.20 -21.64
CA LEU D 86 -14.78 -47.53 -20.23
C LEU D 86 -14.48 -49.03 -20.06
N ARG D 87 -13.40 -49.33 -19.38
CA ARG D 87 -13.00 -50.69 -19.07
C ARG D 87 -13.22 -50.98 -17.59
N SER D 88 -13.10 -52.26 -17.25
CA SER D 88 -13.26 -52.69 -15.87
C SER D 88 -12.22 -52.05 -14.95
N GLU D 89 -11.01 -51.80 -15.48
CA GLU D 89 -9.95 -51.21 -14.67
C GLU D 89 -10.18 -49.72 -14.39
N ASP D 90 -11.25 -49.12 -14.91
CA ASP D 90 -11.59 -47.73 -14.61
C ASP D 90 -12.49 -47.58 -13.39
N THR D 91 -12.98 -48.70 -12.83
CA THR D 91 -13.85 -48.65 -11.67
C THR D 91 -13.10 -48.05 -10.49
N ALA D 92 -13.53 -46.88 -10.02
CA ALA D 92 -12.80 -46.20 -8.95
C ALA D 92 -13.64 -45.06 -8.39
N MET D 93 -13.19 -44.57 -7.24
CA MET D 93 -13.62 -43.26 -6.77
C MET D 93 -12.76 -42.20 -7.47
N TYR D 94 -13.40 -41.16 -8.01
CA TYR D 94 -12.66 -40.13 -8.75
C TYR D 94 -12.63 -38.83 -7.97
N TYR D 95 -11.41 -38.39 -7.62
CA TYR D 95 -11.21 -37.16 -6.87
C TYR D 95 -10.75 -36.02 -7.78
N CYS D 96 -11.35 -34.87 -7.55
CA CYS D 96 -10.93 -33.59 -8.09
C CYS D 96 -9.95 -32.94 -7.11
N VAL D 97 -8.80 -32.45 -7.59
CA VAL D 97 -7.77 -31.91 -6.70
C VAL D 97 -7.24 -30.59 -7.27
N ARG D 98 -7.13 -29.57 -6.41
CA ARG D 98 -6.60 -28.29 -6.85
C ARG D 98 -5.09 -28.21 -6.58
N SER D 99 -4.38 -27.44 -7.40
CA SER D 99 -2.94 -27.36 -7.25
CA SER D 99 -2.93 -27.37 -7.26
C SER D 99 -2.43 -26.08 -7.91
N ILE D 100 -1.93 -25.16 -7.10
CA ILE D 100 -1.40 -23.90 -7.61
C ILE D 100 0.12 -23.95 -7.51
N TYR D 101 0.79 -23.46 -8.55
CA TYR D 101 2.24 -23.58 -8.67
C TYR D 101 2.86 -22.19 -8.74
N TYR D 102 3.59 -21.81 -7.70
CA TYR D 102 4.46 -20.64 -7.73
C TYR D 102 5.49 -20.85 -6.62
N TYR D 103 6.49 -19.97 -6.58
CA TYR D 103 7.56 -20.15 -5.62
C TYR D 103 6.99 -20.22 -4.21
N GLY D 104 7.19 -21.36 -3.55
CA GLY D 104 6.70 -21.54 -2.20
C GLY D 104 5.26 -21.99 -2.06
N SER D 105 4.54 -22.23 -3.16
CA SER D 105 3.15 -22.65 -3.07
C SER D 105 3.04 -24.06 -2.47
N SER D 106 1.81 -24.47 -2.15
CA SER D 106 1.56 -25.84 -1.70
C SER D 106 0.59 -26.54 -2.65
N PRO D 107 1.12 -27.26 -3.64
CA PRO D 107 0.28 -28.05 -4.55
C PRO D 107 -0.50 -29.14 -3.82
N PHE D 108 -1.59 -29.59 -4.46
CA PHE D 108 -2.37 -30.75 -4.02
C PHE D 108 -2.97 -30.55 -2.62
N ASP D 109 -3.32 -29.32 -2.28
CA ASP D 109 -3.72 -28.99 -0.93
C ASP D 109 -5.23 -29.07 -0.68
N PHE D 110 -6.03 -29.36 -1.68
CA PHE D 110 -7.46 -29.57 -1.39
C PHE D 110 -8.04 -30.56 -2.38
N TRP D 111 -8.71 -31.58 -1.86
CA TRP D 111 -9.30 -32.66 -2.63
C TRP D 111 -10.80 -32.66 -2.41
N GLY D 112 -11.55 -33.03 -3.46
CA GLY D 112 -12.99 -33.13 -3.34
C GLY D 112 -13.41 -34.35 -2.54
N GLN D 113 -14.73 -34.50 -2.40
CA GLN D 113 -15.29 -35.64 -1.67
C GLN D 113 -15.25 -36.91 -2.50
N GLY D 114 -15.20 -36.80 -3.81
CA GLY D 114 -15.09 -37.95 -4.67
C GLY D 114 -16.44 -38.40 -5.20
N THR D 115 -16.43 -38.92 -6.44
CA THR D 115 -17.63 -39.52 -7.02
C THR D 115 -17.25 -40.90 -7.54
N THR D 116 -18.16 -41.86 -7.38
CA THR D 116 -17.86 -43.26 -7.60
C THR D 116 -18.33 -43.68 -8.98
N LEU D 117 -17.44 -44.33 -9.74
CA LEU D 117 -17.75 -44.89 -11.04
C LEU D 117 -17.53 -46.39 -11.00
N THR D 118 -18.51 -47.14 -11.47
CA THR D 118 -18.46 -48.60 -11.50
C THR D 118 -18.75 -49.08 -12.92
N VAL D 119 -17.80 -49.81 -13.49
CA VAL D 119 -17.94 -50.41 -14.81
C VAL D 119 -18.24 -51.89 -14.63
N SER D 120 -19.26 -52.38 -15.33
CA SER D 120 -19.78 -53.74 -15.14
C SER D 120 -18.77 -54.79 -15.62
N SER D 121 -19.15 -56.05 -15.44
CA SER D 121 -18.29 -57.19 -15.76
C SER D 121 -18.47 -57.63 -17.21
N GLY D 122 -17.75 -58.67 -17.61
CA GLY D 122 -17.82 -59.19 -18.96
C GLY D 122 -16.95 -60.43 -19.15
N GLY D 135 8.52 -48.59 -16.28
CA GLY D 135 9.55 -48.29 -17.26
C GLY D 135 10.20 -46.94 -17.02
N SER D 136 9.91 -45.99 -17.91
CA SER D 136 10.40 -44.62 -17.72
C SER D 136 9.72 -43.92 -16.54
N ASP D 137 8.50 -44.34 -16.18
CA ASP D 137 7.79 -43.74 -15.06
C ASP D 137 8.55 -43.93 -13.76
N ILE D 138 8.50 -42.92 -12.89
CA ILE D 138 9.17 -43.04 -11.59
C ILE D 138 8.36 -43.98 -10.72
N VAL D 139 9.03 -44.95 -10.12
CA VAL D 139 8.39 -45.90 -9.22
C VAL D 139 8.56 -45.42 -7.80
N MET D 140 7.45 -45.31 -7.08
CA MET D 140 7.46 -44.93 -5.67
C MET D 140 7.15 -46.15 -4.84
N THR D 141 7.99 -46.44 -3.85
CA THR D 141 7.92 -47.69 -3.11
C THR D 141 7.77 -47.41 -1.62
N GLN D 142 6.68 -47.89 -1.05
CA GLN D 142 6.49 -47.99 0.39
C GLN D 142 6.46 -49.50 0.70
N ALA D 143 7.63 -50.05 1.04
CA ALA D 143 7.79 -51.49 1.21
C ALA D 143 6.96 -52.06 2.35
N THR D 144 6.55 -51.23 3.32
CA THR D 144 5.76 -51.68 4.45
C THR D 144 4.28 -51.32 4.24
N SER D 145 3.43 -52.33 4.19
CA SER D 145 2.03 -52.14 3.80
C SER D 145 1.12 -51.72 4.95
N SER D 146 1.45 -52.08 6.19
CA SER D 146 0.65 -51.67 7.34
C SER D 146 1.53 -51.65 8.59
N VAL D 147 1.08 -50.89 9.58
CA VAL D 147 1.81 -50.73 10.85
C VAL D 147 0.82 -50.60 12.00
N PRO D 148 0.92 -51.44 13.03
CA PRO D 148 0.05 -51.28 14.22
C PRO D 148 0.63 -50.28 15.20
N VAL D 149 -0.20 -49.38 15.73
CA VAL D 149 0.27 -48.31 16.61
C VAL D 149 -0.67 -48.18 17.81
N THR D 150 -0.16 -47.55 18.86
CA THR D 150 -0.91 -47.23 20.05
C THR D 150 -0.77 -45.74 20.32
N PRO D 151 -1.82 -45.09 20.84
CA PRO D 151 -1.76 -43.64 21.05
C PRO D 151 -0.56 -43.24 21.88
N GLY D 152 -0.11 -42.00 21.68
CA GLY D 152 1.04 -41.45 22.40
C GLY D 152 2.39 -41.90 21.88
N GLU D 153 2.46 -43.02 21.17
CA GLU D 153 3.72 -43.51 20.62
C GLU D 153 4.14 -42.69 19.41
N SER D 154 5.32 -42.99 18.88
CA SER D 154 5.89 -42.27 17.74
C SER D 154 6.13 -43.23 16.60
N VAL D 155 5.73 -42.82 15.39
CA VAL D 155 5.79 -43.70 14.22
C VAL D 155 6.69 -43.06 13.17
N SER D 156 7.24 -43.91 12.30
CA SER D 156 8.04 -43.48 11.17
C SER D 156 7.64 -44.29 9.95
N ILE D 157 7.05 -43.62 8.96
CA ILE D 157 6.67 -44.23 7.69
C ILE D 157 7.75 -43.93 6.67
N SER D 158 8.02 -44.89 5.79
CA SER D 158 9.12 -44.78 4.84
C SER D 158 8.59 -44.81 3.40
N CYS D 159 9.36 -44.19 2.51
CA CYS D 159 9.05 -44.12 1.09
C CYS D 159 10.36 -44.03 0.33
N ARG D 160 10.40 -44.61 -0.87
CA ARG D 160 11.59 -44.52 -1.71
C ARG D 160 11.21 -44.30 -3.16
N SER D 161 12.09 -43.66 -3.91
CA SER D 161 11.85 -43.40 -5.33
C SER D 161 12.91 -44.08 -6.19
N SER D 162 12.48 -44.56 -7.37
CA SER D 162 13.40 -45.19 -8.30
C SER D 162 14.36 -44.19 -8.94
N LYS D 163 14.09 -42.89 -8.83
CA LYS D 163 14.97 -41.82 -9.28
C LYS D 163 15.09 -40.80 -8.15
N SER D 164 16.19 -40.04 -8.14
CA SER D 164 16.32 -39.00 -7.13
C SER D 164 15.26 -37.92 -7.34
N LEU D 165 14.55 -37.58 -6.28
CA LEU D 165 13.59 -36.50 -6.32
C LEU D 165 14.20 -35.15 -5.97
N LEU D 166 15.48 -35.13 -5.59
CA LEU D 166 16.16 -33.87 -5.30
C LEU D 166 16.57 -33.23 -6.61
N HIS D 167 16.12 -32.00 -6.82
CA HIS D 167 16.38 -31.32 -8.07
C HIS D 167 17.59 -30.41 -7.91
N SER D 168 18.21 -30.07 -9.05
CA SER D 168 19.34 -29.13 -9.04
C SER D 168 18.96 -27.77 -8.43
N ASN D 169 17.67 -27.43 -8.33
CA ASN D 169 17.31 -26.18 -7.66
C ASN D 169 17.34 -26.30 -6.14
N GLY D 170 17.52 -27.51 -5.61
CA GLY D 170 17.57 -27.72 -4.18
C GLY D 170 16.30 -28.27 -3.57
N ASN D 171 15.18 -28.23 -4.29
CA ASN D 171 13.95 -28.78 -3.75
C ASN D 171 13.86 -30.28 -4.03
N THR D 172 13.22 -30.98 -3.11
CA THR D 172 12.96 -32.39 -3.26
C THR D 172 11.45 -32.60 -3.33
N TYR D 173 10.99 -33.09 -4.46
CA TYR D 173 9.58 -32.99 -4.82
C TYR D 173 8.80 -34.20 -4.31
N LEU D 174 8.63 -34.24 -3.00
CA LEU D 174 7.99 -35.37 -2.35
C LEU D 174 6.85 -34.88 -1.48
N TYR D 175 5.70 -35.53 -1.61
CA TYR D 175 4.48 -35.14 -0.92
C TYR D 175 3.99 -36.30 -0.06
N TRP D 176 3.44 -35.97 1.11
CA TRP D 176 2.78 -36.94 1.97
C TRP D 176 1.33 -36.54 2.14
N PHE D 177 0.42 -37.52 1.99
CA PHE D 177 -1.00 -37.32 2.22
C PHE D 177 -1.50 -38.30 3.28
N LEU D 178 -2.58 -37.91 3.94
CA LEU D 178 -3.30 -38.79 4.86
C LEU D 178 -4.73 -38.97 4.37
N GLN D 179 -5.15 -40.23 4.24
CA GLN D 179 -6.56 -40.54 3.99
C GLN D 179 -7.13 -41.24 5.22
N ARG D 180 -7.94 -40.51 5.98
CA ARG D 180 -8.65 -41.10 7.10
C ARG D 180 -9.78 -42.00 6.58
N PRO D 181 -10.22 -42.97 7.36
CA PRO D 181 -11.26 -43.90 6.90
C PRO D 181 -12.56 -43.19 6.51
N GLY D 182 -12.99 -43.40 5.27
CA GLY D 182 -14.21 -42.83 4.76
C GLY D 182 -14.09 -41.41 4.24
N GLN D 183 -12.90 -40.84 4.23
CA GLN D 183 -12.73 -39.44 3.85
C GLN D 183 -11.78 -39.32 2.67
N SER D 184 -11.73 -38.11 2.13
CA SER D 184 -10.82 -37.75 1.05
C SER D 184 -9.40 -37.60 1.57
N PRO D 185 -8.39 -37.80 0.72
CA PRO D 185 -7.01 -37.55 1.15
C PRO D 185 -6.80 -36.09 1.55
N GLN D 186 -5.83 -35.89 2.44
CA GLN D 186 -5.51 -34.59 2.99
C GLN D 186 -4.00 -34.36 2.86
N LEU D 187 -3.61 -33.18 2.37
CA LEU D 187 -2.17 -32.90 2.26
C LEU D 187 -1.57 -32.78 3.66
N LEU D 188 -0.44 -33.44 3.87
CA LEU D 188 0.34 -33.29 5.11
C LEU D 188 1.64 -32.53 4.89
N ILE D 189 2.45 -32.98 3.93
CA ILE D 189 3.79 -32.45 3.69
C ILE D 189 3.92 -32.16 2.21
N TYR D 190 4.42 -30.98 1.86
CA TYR D 190 4.76 -30.67 0.47
C TYR D 190 6.27 -30.46 0.35
N ARG D 191 6.82 -30.93 -0.77
CA ARG D 191 8.26 -30.85 -1.09
C ARG D 191 9.13 -31.31 0.09
N MET D 192 8.78 -32.49 0.58
CA MET D 192 9.50 -33.36 1.51
C MET D 192 9.59 -32.88 2.96
N SER D 193 9.47 -31.58 3.23
CA SER D 193 9.66 -31.14 4.60
C SER D 193 8.76 -30.00 5.03
N ASN D 194 7.94 -29.44 4.15
CA ASN D 194 7.10 -28.31 4.51
C ASN D 194 5.75 -28.81 5.01
N LEU D 195 5.36 -28.32 6.18
CA LEU D 195 4.09 -28.69 6.79
C LEU D 195 2.97 -27.92 6.11
N ALA D 196 1.95 -28.65 5.63
CA ALA D 196 0.80 -27.98 5.03
C ALA D 196 0.04 -27.17 6.07
N SER D 197 -0.64 -26.13 5.59
CA SER D 197 -1.43 -25.26 6.46
C SER D 197 -2.48 -26.06 7.22
N GLY D 198 -2.59 -25.82 8.53
CA GLY D 198 -3.56 -26.49 9.36
C GLY D 198 -3.12 -27.84 9.92
N VAL D 199 -1.93 -28.31 9.57
CA VAL D 199 -1.44 -29.61 10.02
C VAL D 199 -0.66 -29.40 11.32
N PRO D 200 -0.93 -30.18 12.36
CA PRO D 200 -0.24 -29.97 13.65
C PRO D 200 1.25 -30.25 13.55
N ASP D 201 2.01 -29.54 14.36
CA ASP D 201 3.47 -29.62 14.29
C ASP D 201 4.03 -30.97 14.75
N ARG D 202 3.18 -31.93 15.12
CA ARG D 202 3.68 -33.25 15.46
C ARG D 202 4.05 -34.07 14.24
N PHE D 203 3.66 -33.63 13.04
CA PHE D 203 4.11 -34.25 11.80
C PHE D 203 5.36 -33.54 11.29
N SER D 204 6.25 -34.32 10.70
CA SER D 204 7.46 -33.76 10.09
C SER D 204 7.97 -34.74 9.07
N GLY D 205 8.61 -34.20 8.03
CA GLY D 205 9.12 -35.01 6.94
C GLY D 205 10.58 -34.76 6.70
N SER D 206 11.29 -35.80 6.29
CA SER D 206 12.72 -35.72 6.03
C SER D 206 13.08 -36.74 4.97
N GLY D 207 14.33 -36.70 4.55
CA GLY D 207 14.83 -37.68 3.61
C GLY D 207 16.00 -37.10 2.83
N SER D 208 16.36 -37.82 1.76
CA SER D 208 17.42 -37.37 0.88
C SER D 208 17.33 -38.12 -0.42
N GLY D 209 17.04 -37.41 -1.50
CA GLY D 209 17.23 -37.93 -2.84
C GLY D 209 16.24 -39.02 -3.23
N THR D 210 16.38 -40.18 -2.59
CA THR D 210 15.61 -41.37 -2.96
C THR D 210 14.99 -42.09 -1.77
N ALA D 211 15.15 -41.57 -0.55
CA ALA D 211 14.59 -42.21 0.63
C ALA D 211 14.05 -41.13 1.53
N PHE D 212 12.83 -41.32 2.02
CA PHE D 212 12.11 -40.28 2.75
C PHE D 212 11.34 -40.91 3.90
N THR D 213 11.05 -40.10 4.91
CA THR D 213 10.46 -40.54 6.16
C THR D 213 9.46 -39.50 6.64
N LEU D 214 8.26 -39.96 6.98
CA LEU D 214 7.26 -39.14 7.66
C LEU D 214 7.19 -39.63 9.10
N THR D 215 7.34 -38.72 10.05
CA THR D 215 7.36 -39.06 11.47
C THR D 215 6.27 -38.31 12.20
N ILE D 216 5.49 -39.03 13.01
CA ILE D 216 4.49 -38.44 13.89
C ILE D 216 4.96 -38.61 15.33
N SER D 217 4.87 -37.53 16.11
CA SER D 217 5.25 -37.52 17.51
C SER D 217 3.98 -37.48 18.36
N ARG D 218 3.93 -38.33 19.38
CA ARG D 218 2.75 -38.43 20.25
C ARG D 218 1.48 -38.58 19.41
N LEU D 219 1.44 -39.73 18.73
CA LEU D 219 0.36 -40.04 17.80
C LEU D 219 -1.00 -39.97 18.49
N GLU D 220 -1.94 -39.29 17.84
CA GLU D 220 -3.25 -39.03 18.41
C GLU D 220 -4.31 -39.91 17.76
N ALA D 221 -5.57 -39.66 18.15
CA ALA D 221 -6.68 -40.49 17.71
C ALA D 221 -6.91 -40.34 16.22
N GLU D 222 -7.04 -39.10 15.75
CA GLU D 222 -7.37 -38.81 14.35
C GLU D 222 -6.30 -39.24 13.37
N ASP D 223 -5.10 -39.58 13.84
CA ASP D 223 -4.00 -39.90 12.93
C ASP D 223 -4.17 -41.24 12.21
N VAL D 224 -5.15 -42.06 12.58
CA VAL D 224 -5.28 -43.39 11.98
C VAL D 224 -5.78 -43.26 10.55
N GLY D 225 -5.16 -44.01 9.64
CA GLY D 225 -5.59 -44.00 8.26
C GLY D 225 -4.49 -44.55 7.37
N VAL D 226 -4.60 -44.25 6.09
CA VAL D 226 -3.61 -44.68 5.10
C VAL D 226 -2.80 -43.48 4.65
N TYR D 227 -1.48 -43.64 4.63
CA TYR D 227 -0.53 -42.57 4.30
C TYR D 227 0.11 -42.88 2.96
N TYR D 228 -0.05 -41.97 2.00
CA TYR D 228 0.52 -42.13 0.68
C TYR D 228 1.61 -41.10 0.43
N CYS D 229 2.71 -41.53 -0.18
CA CYS D 229 3.69 -40.60 -0.68
C CYS D 229 3.49 -40.41 -2.19
N MET D 230 4.00 -39.30 -2.71
CA MET D 230 3.80 -38.96 -4.12
C MET D 230 4.97 -38.12 -4.58
N GLN D 231 5.42 -38.35 -5.80
CA GLN D 231 6.47 -37.54 -6.40
C GLN D 231 5.83 -36.54 -7.35
N HIS D 232 6.33 -35.31 -7.30
CA HIS D 232 5.93 -34.27 -8.24
C HIS D 232 7.15 -33.79 -9.01
N LEU D 233 8.16 -34.66 -9.15
CA LEU D 233 9.32 -34.31 -9.97
C LEU D 233 8.96 -34.30 -11.44
N GLU D 234 8.23 -35.30 -11.91
CA GLU D 234 7.88 -35.33 -13.33
C GLU D 234 6.60 -36.13 -13.52
N TYR D 235 5.97 -35.89 -14.64
CA TYR D 235 4.76 -36.59 -15.04
C TYR D 235 5.12 -37.85 -15.80
N PRO D 236 4.35 -38.93 -15.62
CA PRO D 236 3.13 -38.95 -14.79
C PRO D 236 3.44 -38.90 -13.30
N LEU D 237 2.60 -38.19 -12.54
CA LEU D 237 2.71 -38.22 -11.09
C LEU D 237 2.36 -39.61 -10.58
N THR D 238 3.13 -40.08 -9.61
CA THR D 238 3.00 -41.47 -9.18
C THR D 238 3.05 -41.53 -7.66
N PHE D 239 2.23 -42.41 -7.09
CA PHE D 239 2.11 -42.60 -5.65
C PHE D 239 2.77 -43.90 -5.22
N GLY D 240 3.09 -43.97 -3.94
CA GLY D 240 3.39 -45.24 -3.32
C GLY D 240 2.13 -46.03 -3.05
N ALA D 241 2.30 -47.32 -2.76
CA ALA D 241 1.17 -48.20 -2.51
C ALA D 241 0.40 -47.80 -1.26
N GLY D 242 1.01 -47.05 -0.35
CA GLY D 242 0.32 -46.65 0.87
C GLY D 242 0.68 -47.48 2.09
N THR D 243 0.77 -46.83 3.25
CA THR D 243 1.01 -47.48 4.52
C THR D 243 -0.14 -47.17 5.47
N LYS D 244 -0.75 -48.20 6.02
CA LYS D 244 -1.89 -48.04 6.92
C LYS D 244 -1.42 -47.98 8.37
N LEU D 245 -2.05 -47.10 9.15
CA LEU D 245 -1.85 -47.02 10.59
C LEU D 245 -3.06 -47.65 11.27
N GLU D 246 -2.85 -48.82 11.87
CA GLU D 246 -3.88 -49.51 12.63
C GLU D 246 -3.66 -49.28 14.12
N LEU D 247 -4.75 -49.27 14.88
CA LEU D 247 -4.68 -49.20 16.33
C LEU D 247 -4.29 -50.57 16.88
N LYS D 248 -3.09 -50.65 17.45
CA LYS D 248 -2.49 -51.87 18.02
C LYS D 248 -2.89 -53.15 17.27
#